data_9QEC
#
_entry.id   9QEC
#
_cell.length_a   1.00
_cell.length_b   1.00
_cell.length_c   1.00
_cell.angle_alpha   90.00
_cell.angle_beta   90.00
_cell.angle_gamma   90.00
#
_symmetry.space_group_name_H-M   'P 1'
#
loop_
_entity.id
_entity.type
_entity.pdbx_description
1 polymer 'DNA repair endonuclease XPF'
2 polymer 'DNA excision repair protein ERCC-1'
3 polymer 'DNA repair protein complementing XP-A cells'
#
loop_
_entity_poly.entity_id
_entity_poly.type
_entity_poly.pdbx_seq_one_letter_code
_entity_poly.pdbx_strand_id
1 'polypeptide(L)'
;MGSSHHHHHHENLYFQSNAMESGQPARRIAMAPLLEYERQLVLELLDTDGLVVCARGLGADRLLYHFLQLHCHPACLVLV
LNTQPAEEEYFINQLKIEGVEHLPRRVTNEITSNSRYEVYTQGGVIFATSRILVVDFLTDRIPSDLITGILVYRAHRIIE
SCQEAFILRLFRQKNKRGFIKAFTDNAVAFDTGFCHVERVMRNLFVRKLYLWPRFHVAVNSFLEQHKPEVVEIHVSMTPT
MLAIQTAILDILNACLKELKCHNPSLEVEDLSLENAIGKPFDKTIRHYLDPLWHQLGAKTKSLVQDLKILRTLLQYLSQY
DCVTFLNLLESLRATEKAFGQNSGWLFLDSSTSMFINARARVYHLPDAKMSKKEKISEKMEIKEGEETKKELVLESNPKW
EALTEVLKEIEAENKESEALGGPGQVLICASDDRTCSQLRDYITLGAEAFLLRLYRKTFEKDSKAEEVWMKFRKEDSSKR
IRKSHKRPKDPQNKERASTKERTLKKKKRKLTLTQMVGKPEELEEEGDVEEGYRREISSSPESCPEEIKHEEFDVNLSSD
AAFGILKEPLTIIHPLLGCSDPYALTRVLHEVEPRYVVLYDAELTFVRQLEIYRASRPGKPLRVYFLIYGGSTEEQRYLT
ALRKEKEAFEKLIREKASMVVPEEREGRDETNLDLVRGTASADVSTDTRKAGGQEQNGTQQSIVVDMREFRSELPSLIHR
RGIDIEPVTLEVGDYILTPEMCVERKSISDLIGSLNNGRLYSQCISMSRYYKRPVLLIEFDPSKPFSLTSRGALFQEISS
NDISSKLTLLTLHFPRLRILWCPSPHATAELFEELKQSKPQPDAATALAITADSETLPESEKYNPGPQDFLLKMPGVNAK
NCRSLMHHVKNIAELAALSQDELTSILGNAANAKQLYDFIHTSFAEVVSKGKGKK
;
A
2 'polypeptide(L)'
;MDPGKDKEGVPQPSGPPARKKFVIPLDEDEVPPGVAKPLFRSTQSLPTVDTSAQAAPQTYAEYAISQPLEGAGATCPTGS
EPLAGETPNQALKPGAKSNSIIVSPRQRGNPVLKFVRNVPWEFGDVIPDYVLGQSTCALFLSLRYHNLHPDYIHGRLQSL
GKNFALRVLLVQVDVKDPQQALKELAKMCILADCTLILAWSPEEAGRYLETYKAYEQKPADLLMEKLEQDFVSRVTECLT
TVKSVNKTDSQTLLTTFGSLEQLIAASREDLALCPGLGPQKARRLFDVLHEPFLKVP
;
B
3 'polypeptide(L)'
;MAAADGALPEAAALEQPAELPASVRASIERKRQRALMLRQARLAARPYSATAAAATGGMANVKAAPKIIDTGGGFILEEE
EEEEQKIGKVVHQPGPVMEFDYVICEECGKEFMDSYLMNHFDLPTCDNCRDADDKHKLITKTEAKQEYLLKDCDLEKREP
PLKFIVKKNPHHSQWGDMKLYLKLQIVKRSLEVWGSQEALEEAKEVRQENREKMKQKKFDKKVKELRRAVRSSVWKRETI
VHQHEYGPEENLEDDMYRKTCTMCGHELTYEKM
;
C
#
# COMPACT_ATOMS: atom_id res chain seq x y z
N ILE A 29 -6.51 -31.41 -16.84
CA ILE A 29 -6.30 -30.34 -15.88
C ILE A 29 -7.34 -29.24 -16.08
N ALA A 30 -7.14 -28.10 -15.40
CA ALA A 30 -8.10 -27.01 -15.48
C ALA A 30 -7.99 -26.28 -16.81
N MET A 31 -6.82 -25.71 -17.09
CA MET A 31 -6.56 -24.97 -18.32
C MET A 31 -5.67 -25.81 -19.22
N ALA A 32 -6.22 -26.27 -20.34
CA ALA A 32 -5.45 -27.09 -21.27
C ALA A 32 -6.03 -27.09 -22.69
N PRO A 33 -7.28 -27.54 -22.90
CA PRO A 33 -7.75 -27.72 -24.28
C PRO A 33 -8.17 -26.43 -24.97
N LEU A 34 -8.38 -25.33 -24.23
CA LEU A 34 -8.81 -24.05 -24.77
C LEU A 34 -10.18 -24.12 -25.43
N LEU A 35 -10.74 -22.97 -25.76
CA LEU A 35 -12.03 -22.87 -26.43
C LEU A 35 -11.85 -22.36 -27.85
N GLU A 36 -12.91 -22.47 -28.64
CA GLU A 36 -12.83 -22.06 -30.04
C GLU A 36 -12.58 -20.56 -30.18
N TYR A 37 -13.29 -19.75 -29.39
CA TYR A 37 -13.00 -18.32 -29.39
C TYR A 37 -11.65 -18.04 -28.76
N GLU A 38 -11.26 -18.82 -27.74
CA GLU A 38 -9.91 -18.71 -27.22
C GLU A 38 -8.88 -19.12 -28.27
N ARG A 39 -9.21 -20.09 -29.12
CA ARG A 39 -8.32 -20.45 -30.22
C ARG A 39 -8.19 -19.29 -31.22
N GLN A 40 -9.30 -18.61 -31.51
CA GLN A 40 -9.23 -17.43 -32.39
C GLN A 40 -8.35 -16.36 -31.77
N LEU A 41 -8.50 -16.12 -30.47
CA LEU A 41 -7.67 -15.15 -29.78
C LEU A 41 -6.19 -15.54 -29.83
N VAL A 42 -5.91 -16.83 -29.64
CA VAL A 42 -4.53 -17.31 -29.65
C VAL A 42 -3.93 -17.14 -31.04
N LEU A 43 -4.71 -17.40 -32.09
CA LEU A 43 -4.21 -17.19 -33.45
C LEU A 43 -3.93 -15.71 -33.70
N GLU A 44 -4.84 -14.84 -33.24
CA GLU A 44 -4.62 -13.39 -33.41
C GLU A 44 -3.37 -12.94 -32.69
N LEU A 45 -3.11 -13.49 -31.50
CA LEU A 45 -1.91 -13.12 -30.75
C LEU A 45 -0.65 -13.73 -31.35
N LEU A 46 -0.74 -14.92 -31.93
CA LEU A 46 0.38 -15.49 -32.66
C LEU A 46 0.67 -14.72 -33.94
N ASP A 47 -0.29 -13.95 -34.43
CA ASP A 47 -0.03 -12.92 -35.43
C ASP A 47 0.60 -11.73 -34.73
N THR A 48 0.62 -10.57 -35.40
CA THR A 48 1.20 -9.34 -34.85
C THR A 48 0.84 -9.17 -33.38
N ASP A 49 1.86 -9.06 -32.54
CA ASP A 49 1.67 -9.06 -31.09
C ASP A 49 0.97 -7.78 -30.63
N GLY A 50 0.34 -7.87 -29.47
CA GLY A 50 -0.38 -6.73 -28.94
C GLY A 50 -0.80 -6.95 -27.51
N LEU A 51 -1.69 -6.09 -27.04
CA LEU A 51 -2.23 -6.15 -25.70
C LEU A 51 -3.63 -6.74 -25.74
N VAL A 52 -3.89 -7.72 -24.89
CA VAL A 52 -5.16 -8.43 -24.87
C VAL A 52 -5.84 -8.14 -23.54
N VAL A 53 -7.06 -7.60 -23.61
CA VAL A 53 -7.87 -7.29 -22.44
C VAL A 53 -9.11 -8.17 -22.48
N CYS A 54 -9.21 -9.09 -21.53
CA CYS A 54 -10.33 -10.01 -21.41
C CYS A 54 -11.24 -9.58 -20.27
N ALA A 55 -12.43 -10.18 -20.25
CA ALA A 55 -13.37 -9.91 -19.16
C ALA A 55 -12.86 -10.52 -17.86
N ARG A 56 -13.29 -9.93 -16.75
CA ARG A 56 -12.90 -10.41 -15.42
C ARG A 56 -13.27 -11.88 -15.24
N GLY A 57 -12.26 -12.73 -15.12
CA GLY A 57 -12.47 -14.15 -14.97
C GLY A 57 -12.63 -14.93 -16.26
N LEU A 58 -12.49 -14.28 -17.41
CA LEU A 58 -12.68 -14.95 -18.70
C LEU A 58 -11.36 -15.50 -19.27
N GLY A 59 -10.63 -16.23 -18.44
CA GLY A 59 -9.49 -17.00 -18.92
C GLY A 59 -8.33 -16.25 -19.56
N ALA A 60 -7.86 -15.17 -18.92
CA ALA A 60 -6.60 -14.58 -19.36
C ALA A 60 -5.42 -15.43 -18.91
N ASP A 61 -5.50 -15.99 -17.70
CA ASP A 61 -4.49 -16.93 -17.23
C ASP A 61 -4.46 -18.17 -18.11
N ARG A 62 -5.58 -18.53 -18.72
CA ARG A 62 -5.59 -19.65 -19.67
C ARG A 62 -4.73 -19.34 -20.89
N LEU A 63 -4.82 -18.12 -21.43
CA LEU A 63 -3.95 -17.73 -22.53
C LEU A 63 -2.49 -17.68 -22.09
N LEU A 64 -2.23 -17.17 -20.88
CA LEU A 64 -0.86 -17.17 -20.39
C LEU A 64 -0.31 -18.59 -20.27
N TYR A 65 -1.12 -19.53 -19.77
CA TYR A 65 -0.69 -20.91 -19.66
C TYR A 65 -0.46 -21.53 -21.03
N HIS A 66 -1.31 -21.19 -22.01
CA HIS A 66 -1.12 -21.70 -23.36
C HIS A 66 0.22 -21.23 -23.93
N PHE A 67 0.55 -19.96 -23.73
CA PHE A 67 1.83 -19.47 -24.24
C PHE A 67 3.01 -20.05 -23.47
N LEU A 68 2.86 -20.29 -22.17
CA LEU A 68 3.92 -20.98 -21.42
C LEU A 68 4.14 -22.38 -21.95
N GLN A 69 3.06 -23.10 -22.23
CA GLN A 69 3.18 -24.44 -22.80
C GLN A 69 3.84 -24.39 -24.17
N LEU A 70 3.49 -23.37 -24.97
CA LEU A 70 4.12 -23.21 -26.28
C LEU A 70 5.63 -22.98 -26.16
N HIS A 71 6.04 -22.16 -25.20
CA HIS A 71 7.43 -21.76 -25.07
C HIS A 71 8.18 -22.51 -23.97
N CYS A 72 7.68 -23.68 -23.56
CA CYS A 72 8.38 -24.49 -22.58
C CYS A 72 9.56 -25.28 -23.17
N HIS A 73 10.00 -24.94 -24.38
CA HIS A 73 11.14 -25.61 -24.99
C HIS A 73 12.44 -25.17 -24.33
N PRO A 74 13.49 -26.00 -24.38
CA PRO A 74 14.79 -25.60 -23.85
C PRO A 74 15.64 -24.80 -24.83
N ALA A 75 15.25 -24.73 -26.10
CA ALA A 75 15.99 -23.98 -27.10
C ALA A 75 15.58 -22.52 -27.17
N CYS A 76 14.63 -22.09 -26.34
CA CYS A 76 14.15 -20.72 -26.31
C CYS A 76 14.22 -20.19 -24.89
N LEU A 77 14.13 -18.87 -24.76
CA LEU A 77 14.19 -18.21 -23.46
C LEU A 77 13.15 -17.10 -23.43
N VAL A 78 12.15 -17.24 -22.56
CA VAL A 78 11.11 -16.23 -22.39
C VAL A 78 11.02 -15.88 -20.91
N LEU A 79 10.45 -14.71 -20.63
CA LEU A 79 10.33 -14.18 -19.29
C LEU A 79 8.89 -13.80 -19.00
N VAL A 80 8.44 -14.06 -17.78
CA VAL A 80 7.11 -13.66 -17.31
C VAL A 80 7.29 -12.61 -16.22
N LEU A 81 6.56 -11.51 -16.33
CA LEU A 81 6.88 -10.31 -15.55
C LEU A 81 6.14 -10.27 -14.20
N ASN A 82 4.82 -10.26 -14.23
CA ASN A 82 4.03 -10.00 -13.02
C ASN A 82 3.22 -11.25 -12.68
N THR A 83 3.84 -12.14 -11.91
CA THR A 83 3.18 -13.36 -11.43
C THR A 83 3.54 -13.57 -9.97
N GLN A 84 2.55 -13.98 -9.18
CA GLN A 84 2.77 -14.27 -7.78
C GLN A 84 3.37 -15.66 -7.62
N PRO A 85 4.12 -15.91 -6.53
CA PRO A 85 4.72 -17.23 -6.34
C PRO A 85 3.70 -18.36 -6.29
N ALA A 86 2.53 -18.12 -5.70
CA ALA A 86 1.50 -19.16 -5.66
C ALA A 86 1.00 -19.49 -7.06
N GLU A 87 0.77 -18.47 -7.89
CA GLU A 87 0.34 -18.72 -9.26
C GLU A 87 1.40 -19.45 -10.05
N GLU A 88 2.67 -19.07 -9.86
CA GLU A 88 3.76 -19.76 -10.56
C GLU A 88 3.85 -21.22 -10.15
N GLU A 89 3.69 -21.50 -8.85
CA GLU A 89 3.71 -22.88 -8.38
C GLU A 89 2.54 -23.67 -8.96
N TYR A 90 1.35 -23.04 -9.03
CA TYR A 90 0.21 -23.71 -9.62
C TYR A 90 0.44 -24.02 -11.10
N PHE A 91 1.01 -23.06 -11.83
CA PHE A 91 1.30 -23.29 -13.25
C PHE A 91 2.32 -24.41 -13.43
N ILE A 92 3.35 -24.43 -12.59
CA ILE A 92 4.36 -25.49 -12.67
C ILE A 92 3.73 -26.84 -12.38
N ASN A 93 2.86 -26.92 -11.36
CA ASN A 93 2.20 -28.18 -11.04
C ASN A 93 1.31 -28.63 -12.19
N GLN A 94 0.57 -27.70 -12.81
CA GLN A 94 -0.28 -28.06 -13.93
C GLN A 94 0.54 -28.58 -15.10
N LEU A 95 1.67 -27.92 -15.40
CA LEU A 95 2.52 -28.38 -16.49
C LEU A 95 3.11 -29.76 -16.19
N LYS A 96 3.49 -30.00 -14.94
CA LYS A 96 4.01 -31.31 -14.56
C LYS A 96 2.93 -32.38 -14.70
N ILE A 97 1.70 -32.07 -14.31
CA ILE A 97 0.61 -33.02 -14.46
C ILE A 97 0.36 -33.30 -15.94
N GLU A 98 0.45 -32.27 -16.78
CA GLU A 98 0.27 -32.45 -18.22
C GLU A 98 1.35 -33.36 -18.83
N GLY A 99 2.46 -33.55 -18.13
CA GLY A 99 3.53 -34.38 -18.64
C GLY A 99 4.44 -33.65 -19.61
N VAL A 100 5.05 -32.56 -19.14
CA VAL A 100 5.93 -31.75 -19.97
C VAL A 100 7.34 -31.83 -19.40
N GLU A 101 8.31 -31.67 -20.28
CA GLU A 101 9.72 -31.62 -19.92
C GLU A 101 10.19 -30.18 -19.85
N HIS A 102 11.27 -29.97 -19.09
CA HIS A 102 11.86 -28.65 -18.88
C HIS A 102 10.83 -27.68 -18.30
N LEU A 103 10.42 -28.01 -17.08
CA LEU A 103 9.41 -27.20 -16.38
C LEU A 103 9.95 -25.80 -16.14
N PRO A 104 9.07 -24.79 -16.12
CA PRO A 104 9.52 -23.42 -15.86
C PRO A 104 10.19 -23.30 -14.50
N ARG A 105 11.23 -22.47 -14.44
CA ARG A 105 11.99 -22.25 -13.20
C ARG A 105 11.85 -20.80 -12.79
N ARG A 106 11.77 -20.58 -11.49
CA ARG A 106 11.57 -19.25 -10.91
C ARG A 106 12.88 -18.76 -10.31
N VAL A 107 13.28 -17.54 -10.66
CA VAL A 107 14.53 -16.95 -10.21
C VAL A 107 14.20 -15.91 -9.14
N THR A 108 14.76 -16.10 -7.95
CA THR A 108 14.50 -15.23 -6.82
C THR A 108 15.81 -14.67 -6.27
N ASN A 109 15.70 -13.67 -5.39
CA ASN A 109 16.88 -13.05 -4.81
C ASN A 109 17.69 -14.02 -3.97
N GLU A 110 17.06 -15.08 -3.45
CA GLU A 110 17.80 -16.10 -2.70
C GLU A 110 18.80 -16.84 -3.57
N ILE A 111 18.63 -16.80 -4.89
CA ILE A 111 19.57 -17.43 -5.80
C ILE A 111 20.74 -16.48 -6.03
N THR A 112 21.96 -17.01 -5.91
CA THR A 112 23.16 -16.19 -6.08
C THR A 112 23.27 -15.70 -7.53
N SER A 113 23.93 -14.56 -7.69
CA SER A 113 24.06 -13.95 -9.01
C SER A 113 24.83 -14.85 -9.97
N ASN A 114 25.86 -15.54 -9.47
CA ASN A 114 26.62 -16.44 -10.32
C ASN A 114 25.74 -17.59 -10.82
N SER A 115 24.90 -18.13 -9.94
CA SER A 115 23.98 -19.19 -10.35
C SER A 115 22.85 -18.68 -11.23
N ARG A 116 22.56 -17.38 -11.19
CA ARG A 116 21.47 -16.84 -12.00
C ARG A 116 21.77 -16.97 -13.49
N TYR A 117 23.02 -16.68 -13.89
CA TYR A 117 23.37 -16.77 -15.30
C TYR A 117 23.28 -18.18 -15.84
N GLU A 118 23.54 -19.18 -14.98
CA GLU A 118 23.39 -20.57 -15.40
C GLU A 118 21.93 -20.90 -15.71
N VAL A 119 21.00 -20.34 -14.93
CA VAL A 119 19.58 -20.57 -15.18
C VAL A 119 19.17 -19.98 -16.53
N TYR A 120 19.70 -18.80 -16.86
CA TYR A 120 19.34 -18.16 -18.12
C TYR A 120 19.80 -19.00 -19.31
N THR A 121 20.97 -19.61 -19.22
CA THR A 121 21.50 -20.39 -20.34
C THR A 121 20.69 -21.65 -20.59
N GLN A 122 20.07 -22.21 -19.54
CA GLN A 122 19.28 -23.43 -19.71
C GLN A 122 18.05 -23.20 -20.57
N GLY A 123 17.56 -21.97 -20.68
CA GLY A 123 16.43 -21.67 -21.53
C GLY A 123 15.10 -22.00 -20.87
N GLY A 124 14.04 -21.85 -21.66
CA GLY A 124 12.70 -22.12 -21.20
C GLY A 124 12.06 -20.92 -20.54
N VAL A 125 10.87 -21.16 -20.00
CA VAL A 125 10.13 -20.11 -19.29
C VAL A 125 10.84 -19.78 -17.98
N ILE A 126 11.06 -18.50 -17.73
CA ILE A 126 11.73 -18.03 -16.53
C ILE A 126 10.79 -17.06 -15.81
N PHE A 127 10.46 -17.38 -14.56
CA PHE A 127 9.68 -16.50 -13.71
C PHE A 127 10.65 -15.62 -12.93
N ALA A 128 10.72 -14.34 -13.28
CA ALA A 128 11.66 -13.42 -12.67
C ALA A 128 10.93 -12.20 -12.11
N THR A 129 11.43 -11.70 -10.99
CA THR A 129 10.89 -10.49 -10.39
C THR A 129 11.48 -9.25 -11.06
N SER A 130 10.83 -8.11 -10.80
CA SER A 130 11.24 -6.87 -11.46
C SER A 130 12.64 -6.45 -11.05
N ARG A 131 12.97 -6.59 -9.76
CA ARG A 131 14.28 -6.15 -9.29
C ARG A 131 15.41 -6.95 -9.95
N ILE A 132 15.26 -8.27 -10.01
CA ILE A 132 16.28 -9.12 -10.58
C ILE A 132 16.45 -8.82 -12.06
N LEU A 133 15.35 -8.66 -12.78
CA LEU A 133 15.43 -8.36 -14.21
C LEU A 133 16.08 -7.00 -14.45
N VAL A 134 15.74 -6.00 -13.63
CA VAL A 134 16.36 -4.68 -13.77
C VAL A 134 17.86 -4.78 -13.54
N VAL A 135 18.27 -5.49 -12.50
CA VAL A 135 19.69 -5.62 -12.18
C VAL A 135 20.42 -6.33 -13.30
N ASP A 136 19.86 -7.43 -13.80
CA ASP A 136 20.51 -8.20 -14.85
C ASP A 136 20.61 -7.41 -16.15
N PHE A 137 19.56 -6.67 -16.50
CA PHE A 137 19.60 -5.86 -17.72
C PHE A 137 20.60 -4.73 -17.60
N LEU A 138 20.69 -4.10 -16.42
CA LEU A 138 21.61 -2.97 -16.26
C LEU A 138 23.06 -3.43 -16.20
N THR A 139 23.32 -4.56 -15.55
CA THR A 139 24.67 -5.09 -15.41
C THR A 139 25.05 -6.04 -16.53
N ASP A 140 24.16 -6.25 -17.50
CA ASP A 140 24.40 -7.11 -18.66
C ASP A 140 24.68 -8.56 -18.25
N ARG A 141 24.19 -8.99 -17.09
CA ARG A 141 24.36 -10.37 -16.66
C ARG A 141 23.17 -11.23 -17.09
N ILE A 142 22.84 -11.15 -18.38
CA ILE A 142 21.72 -11.90 -18.95
C ILE A 142 21.90 -11.95 -20.46
N PRO A 143 21.71 -13.09 -21.10
CA PRO A 143 21.83 -13.14 -22.57
C PRO A 143 20.68 -12.44 -23.25
N SER A 144 20.76 -11.10 -23.33
CA SER A 144 19.68 -10.32 -23.93
C SER A 144 19.51 -10.62 -25.41
N ASP A 145 20.54 -11.13 -26.08
CA ASP A 145 20.42 -11.50 -27.48
C ASP A 145 19.63 -12.79 -27.67
N LEU A 146 19.63 -13.67 -26.66
CA LEU A 146 18.96 -14.95 -26.75
C LEU A 146 17.51 -14.93 -26.28
N ILE A 147 17.02 -13.80 -25.79
CA ILE A 147 15.66 -13.73 -25.28
C ILE A 147 14.68 -13.84 -26.44
N THR A 148 13.84 -14.88 -26.41
CA THR A 148 12.85 -15.07 -27.48
C THR A 148 11.72 -14.07 -27.35
N GLY A 149 11.31 -13.76 -26.13
CA GLY A 149 10.23 -12.80 -25.93
C GLY A 149 9.94 -12.63 -24.46
N ILE A 150 9.01 -11.73 -24.17
CA ILE A 150 8.58 -11.44 -22.81
C ILE A 150 7.06 -11.47 -22.77
N LEU A 151 6.51 -12.23 -21.83
CA LEU A 151 5.07 -12.26 -21.58
C LEU A 151 4.79 -11.41 -20.35
N VAL A 152 3.92 -10.40 -20.51
CA VAL A 152 3.64 -9.44 -19.45
C VAL A 152 2.25 -9.74 -18.91
N TYR A 153 2.20 -10.49 -17.82
CA TYR A 153 0.95 -10.69 -17.10
C TYR A 153 0.58 -9.42 -16.33
N ARG A 154 -0.71 -9.20 -16.15
CA ARG A 154 -1.24 -8.03 -15.46
C ARG A 154 -0.69 -6.75 -16.08
N ALA A 155 -0.99 -6.56 -17.37
CA ALA A 155 -0.45 -5.44 -18.13
C ALA A 155 -1.02 -4.10 -17.71
N HIS A 156 -2.06 -4.07 -16.88
CA HIS A 156 -2.61 -2.80 -16.41
C HIS A 156 -1.72 -2.13 -15.38
N ARG A 157 -0.70 -2.82 -14.87
CA ARG A 157 0.18 -2.27 -13.86
C ARG A 157 1.17 -1.26 -14.41
N ILE A 158 1.35 -1.19 -15.73
CA ILE A 158 2.28 -0.25 -16.33
C ILE A 158 1.86 1.19 -16.08
N ILE A 159 0.59 1.41 -15.74
CA ILE A 159 0.10 2.77 -15.50
C ILE A 159 0.81 3.38 -14.29
N GLU A 160 0.93 2.62 -13.21
CA GLU A 160 1.52 3.12 -11.97
C GLU A 160 2.90 2.54 -11.67
N SER A 161 3.19 1.32 -12.10
CA SER A 161 4.47 0.69 -11.82
C SER A 161 5.47 1.11 -12.89
N CYS A 162 6.60 1.67 -12.46
CA CYS A 162 7.65 2.14 -13.36
C CYS A 162 8.77 1.14 -13.55
N GLN A 163 8.70 -0.02 -12.91
CA GLN A 163 9.76 -1.02 -13.05
C GLN A 163 9.61 -1.81 -14.34
N GLU A 164 8.40 -2.28 -14.64
CA GLU A 164 8.17 -3.08 -15.83
C GLU A 164 8.40 -2.26 -17.10
N ALA A 165 8.01 -0.99 -17.08
CA ALA A 165 8.27 -0.13 -18.23
C ALA A 165 9.76 0.02 -18.49
N PHE A 166 10.54 0.21 -17.42
CA PHE A 166 12.00 0.31 -17.57
C PHE A 166 12.58 -1.00 -18.09
N ILE A 167 12.08 -2.14 -17.60
CA ILE A 167 12.56 -3.43 -18.07
C ILE A 167 12.28 -3.59 -19.56
N LEU A 168 11.07 -3.25 -19.98
CA LEU A 168 10.71 -3.38 -21.39
C LEU A 168 11.54 -2.44 -22.26
N ARG A 169 11.77 -1.21 -21.78
CA ARG A 169 12.59 -0.27 -22.54
C ARG A 169 14.03 -0.79 -22.68
N LEU A 170 14.58 -1.36 -21.61
CA LEU A 170 15.93 -1.92 -21.68
C LEU A 170 15.98 -3.11 -22.64
N PHE A 171 14.97 -3.98 -22.58
CA PHE A 171 14.95 -5.16 -23.44
C PHE A 171 14.85 -4.77 -24.91
N ARG A 172 14.01 -3.79 -25.24
CA ARG A 172 13.87 -3.37 -26.62
C ARG A 172 15.14 -2.72 -27.15
N GLN A 173 15.84 -1.95 -26.29
CA GLN A 173 17.06 -1.28 -26.72
C GLN A 173 18.16 -2.27 -27.10
N LYS A 174 18.10 -3.50 -26.60
CA LYS A 174 19.14 -4.49 -26.85
C LYS A 174 18.75 -5.55 -27.86
N ASN A 175 17.49 -5.99 -27.85
CA ASN A 175 17.07 -7.10 -28.70
C ASN A 175 16.50 -6.63 -30.03
N LYS A 176 15.41 -5.85 -29.99
CA LYS A 176 14.68 -5.37 -31.17
C LYS A 176 14.12 -6.50 -32.03
N ARG A 177 14.11 -7.72 -31.52
CA ARG A 177 13.63 -8.87 -32.30
C ARG A 177 12.59 -9.69 -31.56
N GLY A 178 12.71 -9.83 -30.24
CA GLY A 178 11.79 -10.65 -29.49
C GLY A 178 10.40 -10.04 -29.40
N PHE A 179 9.43 -10.90 -29.10
CA PHE A 179 8.04 -10.48 -29.03
C PHE A 179 7.70 -9.96 -27.63
N ILE A 180 6.62 -9.19 -27.56
CA ILE A 180 6.08 -8.73 -26.29
C ILE A 180 4.56 -8.90 -26.31
N LYS A 181 4.08 -9.92 -25.62
CA LYS A 181 2.64 -10.17 -25.49
C LYS A 181 2.18 -9.77 -24.11
N ALA A 182 1.16 -8.92 -24.03
CA ALA A 182 0.64 -8.41 -22.78
C ALA A 182 -0.77 -8.93 -22.58
N PHE A 183 -1.00 -9.60 -21.45
CA PHE A 183 -2.30 -10.14 -21.10
C PHE A 183 -2.83 -9.40 -19.88
N THR A 184 -4.12 -9.11 -19.87
CA THR A 184 -4.71 -8.44 -18.71
C THR A 184 -6.21 -8.70 -18.69
N ASP A 185 -6.77 -8.53 -17.50
CA ASP A 185 -8.21 -8.42 -17.29
C ASP A 185 -8.44 -7.12 -16.54
N ASN A 186 -9.65 -6.91 -16.01
CA ASN A 186 -9.98 -5.70 -15.28
C ASN A 186 -9.79 -4.49 -16.21
N ALA A 187 -10.69 -4.44 -17.19
CA ALA A 187 -10.74 -3.30 -18.11
C ALA A 187 -11.14 -2.01 -17.40
N VAL A 188 -11.66 -2.10 -16.17
CA VAL A 188 -12.01 -0.91 -15.41
C VAL A 188 -10.77 -0.09 -15.05
N ALA A 189 -9.59 -0.72 -15.02
CA ALA A 189 -8.36 0.02 -14.75
C ALA A 189 -8.11 1.08 -15.81
N PHE A 190 -8.35 0.74 -17.08
CA PHE A 190 -8.21 1.72 -18.16
C PHE A 190 -9.31 2.77 -18.13
N ASP A 191 -10.40 2.53 -17.41
CA ASP A 191 -11.52 3.46 -17.36
C ASP A 191 -11.25 4.66 -16.47
N THR A 192 -10.21 4.62 -15.64
CA THR A 192 -9.87 5.75 -14.79
C THR A 192 -9.42 6.94 -15.63
N GLY A 193 -9.75 8.14 -15.16
CA GLY A 193 -9.35 9.34 -15.86
C GLY A 193 -7.87 9.67 -15.77
N PHE A 194 -7.17 9.09 -14.78
CA PHE A 194 -5.74 9.34 -14.64
C PHE A 194 -4.91 8.60 -15.67
N CYS A 195 -5.42 7.51 -16.23
CA CYS A 195 -4.68 6.67 -17.17
C CYS A 195 -5.12 6.97 -18.60
N HIS A 196 -4.51 6.27 -19.54
CA HIS A 196 -4.85 6.37 -20.95
C HIS A 196 -4.27 5.17 -21.67
N VAL A 197 -5.07 4.56 -22.54
CA VAL A 197 -4.67 3.29 -23.15
C VAL A 197 -3.49 3.48 -24.10
N GLU A 198 -3.33 4.67 -24.68
CA GLU A 198 -2.24 4.88 -25.64
C GLU A 198 -0.88 4.88 -24.95
N ARG A 199 -0.81 5.44 -23.74
CA ARG A 199 0.46 5.43 -22.99
C ARG A 199 0.89 4.01 -22.68
N VAL A 200 -0.04 3.18 -22.21
CA VAL A 200 0.27 1.78 -21.93
C VAL A 200 0.64 1.05 -23.21
N MET A 201 -0.06 1.37 -24.30
CA MET A 201 0.20 0.71 -25.57
C MET A 201 1.60 1.03 -26.09
N ARG A 202 2.03 2.28 -25.95
CA ARG A 202 3.37 2.67 -26.37
C ARG A 202 4.44 2.18 -25.39
N ASN A 203 4.08 1.99 -24.12
CA ASN A 203 5.05 1.48 -23.15
C ASN A 203 5.39 0.02 -23.42
N LEU A 204 4.43 -0.76 -23.90
CA LEU A 204 4.63 -2.18 -24.14
C LEU A 204 5.21 -2.47 -25.52
N PHE A 205 5.32 -1.47 -26.39
CA PHE A 205 5.84 -1.64 -27.75
C PHE A 205 5.05 -2.71 -28.51
N VAL A 206 3.73 -2.64 -28.40
CA VAL A 206 2.85 -3.68 -28.94
C VAL A 206 2.23 -3.25 -30.27
N ARG A 207 1.72 -2.02 -30.35
CA ARG A 207 1.12 -1.45 -31.56
C ARG A 207 -0.15 -2.17 -31.99
N LYS A 208 -0.72 -3.04 -31.15
CA LYS A 208 -1.99 -3.67 -31.45
C LYS A 208 -2.76 -3.85 -30.15
N LEU A 209 -4.09 -3.69 -30.23
CA LEU A 209 -4.96 -3.81 -29.07
C LEU A 209 -6.09 -4.78 -29.39
N TYR A 210 -6.24 -5.81 -28.56
CA TYR A 210 -7.27 -6.82 -28.72
C TYR A 210 -8.22 -6.76 -27.54
N LEU A 211 -9.50 -6.56 -27.83
CA LEU A 211 -10.55 -6.46 -26.81
C LEU A 211 -11.48 -7.65 -26.94
N TRP A 212 -11.63 -8.41 -25.85
CA TRP A 212 -12.50 -9.58 -25.80
C TRP A 212 -13.38 -9.49 -24.56
N PRO A 213 -14.44 -8.69 -24.63
CA PRO A 213 -15.35 -8.56 -23.48
C PRO A 213 -16.28 -9.76 -23.39
N ARG A 214 -17.16 -9.72 -22.38
CA ARG A 214 -18.14 -10.79 -22.22
C ARG A 214 -19.13 -10.79 -23.37
N PHE A 215 -19.55 -9.61 -23.83
CA PHE A 215 -20.52 -9.48 -24.91
C PHE A 215 -19.87 -9.54 -26.30
N HIS A 216 -18.66 -10.09 -26.39
CA HIS A 216 -18.04 -10.30 -27.68
C HIS A 216 -18.86 -11.29 -28.51
N VAL A 217 -18.90 -11.06 -29.83
CA VAL A 217 -19.74 -11.88 -30.70
C VAL A 217 -19.30 -13.34 -30.64
N ALA A 218 -17.99 -13.58 -30.73
CA ALA A 218 -17.48 -14.95 -30.65
C ALA A 218 -17.67 -15.54 -29.25
N VAL A 219 -17.44 -14.73 -28.21
CA VAL A 219 -17.58 -15.22 -26.84
C VAL A 219 -19.03 -15.54 -26.53
N ASN A 220 -19.94 -14.62 -26.86
CA ASN A 220 -21.35 -14.80 -26.53
C ASN A 220 -21.95 -15.98 -27.29
N SER A 221 -21.60 -16.13 -28.57
CA SER A 221 -22.20 -17.18 -29.38
C SER A 221 -21.86 -18.56 -28.84
N PHE A 222 -20.61 -18.78 -28.44
CA PHE A 222 -20.19 -20.08 -27.95
C PHE A 222 -20.68 -20.33 -26.53
N LEU A 223 -20.70 -19.29 -25.68
CA LEU A 223 -21.04 -19.49 -24.29
C LEU A 223 -22.53 -19.80 -24.11
N GLU A 224 -23.40 -19.12 -24.87
CA GLU A 224 -24.83 -19.36 -24.74
C GLU A 224 -25.24 -20.76 -25.18
N GLN A 225 -24.38 -21.46 -25.93
CA GLN A 225 -24.68 -22.84 -26.29
C GLN A 225 -24.62 -23.76 -25.07
N HIS A 226 -23.74 -23.48 -24.12
CA HIS A 226 -23.56 -24.29 -22.92
C HIS A 226 -23.68 -23.43 -21.67
N LYS A 227 -24.72 -22.59 -21.62
CA LYS A 227 -24.90 -21.74 -20.45
C LYS A 227 -25.41 -22.57 -19.27
N PRO A 228 -25.00 -22.25 -18.05
CA PRO A 228 -25.51 -22.97 -16.88
C PRO A 228 -26.92 -22.49 -16.52
N GLU A 229 -27.57 -23.29 -15.68
CA GLU A 229 -28.90 -22.96 -15.18
C GLU A 229 -28.76 -22.13 -13.91
N VAL A 230 -29.04 -20.84 -14.02
CA VAL A 230 -28.85 -19.91 -12.91
C VAL A 230 -30.20 -19.64 -12.27
N VAL A 231 -30.33 -19.95 -10.99
CA VAL A 231 -31.53 -19.72 -10.21
C VAL A 231 -31.17 -18.74 -9.10
N GLU A 232 -31.78 -17.56 -9.12
CA GLU A 232 -31.51 -16.53 -8.13
C GLU A 232 -32.66 -16.48 -7.14
N ILE A 233 -32.33 -16.61 -5.85
CA ILE A 233 -33.30 -16.55 -4.77
C ILE A 233 -33.10 -15.22 -4.05
N HIS A 234 -34.15 -14.41 -3.99
CA HIS A 234 -34.09 -13.12 -3.32
C HIS A 234 -34.56 -13.27 -1.88
N VAL A 235 -33.72 -12.85 -0.94
CA VAL A 235 -34.00 -12.96 0.49
C VAL A 235 -34.33 -11.57 1.01
N SER A 236 -35.50 -11.43 1.61
CA SER A 236 -35.90 -10.14 2.17
C SER A 236 -35.08 -9.84 3.42
N MET A 237 -34.51 -8.64 3.47
CA MET A 237 -33.73 -8.24 4.64
C MET A 237 -34.66 -7.93 5.81
N THR A 238 -34.18 -8.22 7.02
CA THR A 238 -34.92 -7.89 8.21
C THR A 238 -35.00 -6.36 8.36
N PRO A 239 -36.16 -5.82 8.73
CA PRO A 239 -36.26 -4.36 8.88
C PRO A 239 -35.30 -3.77 9.88
N THR A 240 -34.87 -4.53 10.88
CA THR A 240 -33.87 -4.03 11.83
C THR A 240 -32.53 -3.81 11.14
N MET A 241 -32.12 -4.72 10.26
CA MET A 241 -30.86 -4.53 9.55
C MET A 241 -30.96 -3.42 8.50
N LEU A 242 -32.15 -3.19 7.95
CA LEU A 242 -32.33 -2.11 6.97
C LEU A 242 -32.05 -0.76 7.60
N ALA A 243 -32.50 -0.53 8.83
CA ALA A 243 -32.22 0.72 9.51
C ALA A 243 -30.73 0.89 9.77
N ILE A 244 -30.05 -0.19 10.16
CA ILE A 244 -28.60 -0.12 10.39
C ILE A 244 -27.88 0.25 9.11
N GLN A 245 -28.25 -0.39 8.00
CA GLN A 245 -27.63 -0.09 6.72
C GLN A 245 -27.90 1.35 6.29
N THR A 246 -29.12 1.83 6.53
CA THR A 246 -29.44 3.23 6.20
C THR A 246 -28.59 4.18 7.02
N ALA A 247 -28.43 3.92 8.31
CA ALA A 247 -27.59 4.78 9.15
C ALA A 247 -26.14 4.74 8.70
N ILE A 248 -25.63 3.55 8.37
CA ILE A 248 -24.24 3.44 7.90
C ILE A 248 -24.06 4.23 6.61
N LEU A 249 -25.00 4.12 5.68
CA LEU A 249 -24.89 4.85 4.42
C LEU A 249 -24.98 6.35 4.65
N ASP A 250 -25.81 6.81 5.59
CA ASP A 250 -25.88 8.23 5.90
C ASP A 250 -24.55 8.73 6.44
N ILE A 251 -23.95 7.98 7.36
CA ILE A 251 -22.64 8.39 7.92
C ILE A 251 -21.58 8.37 6.83
N LEU A 252 -21.61 7.36 5.95
CA LEU A 252 -20.64 7.28 4.87
C LEU A 252 -20.78 8.45 3.92
N ASN A 253 -22.01 8.83 3.58
CA ASN A 253 -22.22 9.98 2.70
C ASN A 253 -21.73 11.27 3.35
N ALA A 254 -22.00 11.45 4.64
CA ALA A 254 -21.52 12.63 5.34
C ALA A 254 -20.00 12.69 5.34
N CYS A 255 -19.34 11.55 5.63
CA CYS A 255 -17.88 11.52 5.65
C CYS A 255 -17.31 11.79 4.26
N LEU A 256 -17.92 11.22 3.22
CA LEU A 256 -17.46 11.47 1.86
C LEU A 256 -17.60 12.94 1.48
N LYS A 257 -18.72 13.57 1.85
CA LYS A 257 -18.90 14.98 1.56
C LYS A 257 -17.87 15.83 2.29
N GLU A 258 -17.61 15.50 3.57
CA GLU A 258 -16.61 16.27 4.31
C GLU A 258 -15.21 16.07 3.73
N LEU A 259 -14.88 14.85 3.30
CA LEU A 259 -13.58 14.61 2.69
C LEU A 259 -13.44 15.37 1.37
N LYS A 260 -14.50 15.42 0.58
CA LYS A 260 -14.46 16.19 -0.66
C LYS A 260 -14.32 17.68 -0.38
N CYS A 261 -14.99 18.18 0.66
CA CYS A 261 -14.92 19.60 0.99
C CYS A 261 -13.50 20.01 1.34
N HIS A 262 -12.79 19.18 2.10
CA HIS A 262 -11.43 19.50 2.50
C HIS A 262 -10.39 19.22 1.43
N ASN A 263 -10.77 18.52 0.36
CA ASN A 263 -9.86 18.19 -0.73
C ASN A 263 -10.51 18.57 -2.05
N PRO A 264 -10.41 19.83 -2.46
CA PRO A 264 -11.05 20.25 -3.72
C PRO A 264 -10.52 19.50 -4.93
N SER A 265 -9.27 19.05 -4.90
CA SER A 265 -8.68 18.28 -6.00
C SER A 265 -9.04 16.80 -5.94
N LEU A 266 -10.06 16.43 -5.16
CA LEU A 266 -10.47 15.05 -5.02
C LEU A 266 -11.89 14.79 -5.53
N GLU A 267 -12.46 15.73 -6.29
CA GLU A 267 -13.81 15.55 -6.81
C GLU A 267 -13.88 14.34 -7.72
N VAL A 268 -13.18 14.41 -8.86
CA VAL A 268 -13.01 13.32 -9.83
C VAL A 268 -14.31 12.55 -10.02
N GLU A 269 -14.22 11.26 -10.35
CA GLU A 269 -15.39 10.39 -10.43
C GLU A 269 -15.35 9.21 -9.48
N ASP A 270 -14.17 8.85 -8.95
CA ASP A 270 -14.06 7.72 -8.03
C ASP A 270 -14.55 8.03 -6.64
N LEU A 271 -14.82 9.30 -6.32
CA LEU A 271 -15.29 9.69 -4.99
C LEU A 271 -16.80 9.85 -5.05
N SER A 272 -17.50 8.74 -4.85
CA SER A 272 -18.96 8.74 -4.84
C SER A 272 -19.45 7.62 -3.93
N LEU A 273 -20.70 7.76 -3.48
CA LEU A 273 -21.27 6.74 -2.60
C LEU A 273 -21.39 5.40 -3.30
N GLU A 274 -21.56 5.41 -4.63
CA GLU A 274 -21.64 4.15 -5.37
C GLU A 274 -20.27 3.48 -5.46
N ASN A 275 -19.20 4.27 -5.62
CA ASN A 275 -17.86 3.69 -5.70
C ASN A 275 -17.27 3.42 -4.33
N ALA A 276 -17.72 4.15 -3.30
CA ALA A 276 -17.18 3.93 -1.95
C ALA A 276 -17.56 2.56 -1.42
N ILE A 277 -18.70 2.02 -1.86
CA ILE A 277 -19.14 0.71 -1.38
C ILE A 277 -18.21 -0.38 -1.90
N GLY A 278 -17.71 -0.23 -3.12
CA GLY A 278 -16.92 -1.28 -3.74
C GLY A 278 -15.56 -1.46 -3.10
N LYS A 279 -14.97 -2.63 -3.36
CA LYS A 279 -13.66 -2.96 -2.79
C LYS A 279 -12.53 -2.05 -3.27
N PRO A 280 -12.36 -1.75 -4.58
CA PRO A 280 -11.17 -1.01 -5.00
C PRO A 280 -11.19 0.47 -4.62
N PHE A 281 -12.13 0.86 -3.77
CA PHE A 281 -12.20 2.25 -3.32
C PHE A 281 -10.94 2.64 -2.55
N ASP A 282 -10.41 1.73 -1.73
CA ASP A 282 -9.22 2.04 -0.94
C ASP A 282 -8.02 2.32 -1.84
N LYS A 283 -7.86 1.54 -2.91
CA LYS A 283 -6.72 1.73 -3.80
C LYS A 283 -6.75 3.10 -4.46
N THR A 284 -7.92 3.54 -4.92
CA THR A 284 -8.03 4.86 -5.53
C THR A 284 -7.74 5.96 -4.52
N ILE A 285 -8.28 5.83 -3.31
CA ILE A 285 -8.07 6.85 -2.28
C ILE A 285 -6.60 6.89 -1.88
N ARG A 286 -5.90 5.76 -1.94
CA ARG A 286 -4.47 5.75 -1.64
C ARG A 286 -3.69 6.40 -2.78
N HIS A 287 -4.00 6.05 -4.02
CA HIS A 287 -3.26 6.59 -5.15
C HIS A 287 -3.44 8.10 -5.25
N TYR A 288 -4.63 8.61 -4.89
CA TYR A 288 -4.89 10.04 -4.99
C TYR A 288 -4.38 10.84 -3.81
N LEU A 289 -3.97 10.20 -2.71
CA LEU A 289 -3.59 10.92 -1.51
C LEU A 289 -2.28 10.49 -0.87
N ASP A 290 -1.80 9.28 -1.12
CA ASP A 290 -0.55 8.83 -0.49
C ASP A 290 0.67 9.67 -0.86
N PRO A 291 0.89 10.06 -2.12
CA PRO A 291 2.10 10.85 -2.44
C PRO A 291 2.17 12.17 -1.68
N LEU A 292 1.06 12.72 -1.23
CA LEU A 292 1.04 13.97 -0.46
C LEU A 292 0.38 13.76 0.89
N TRP A 293 0.68 12.63 1.52
CA TRP A 293 0.01 12.25 2.77
C TRP A 293 0.32 13.22 3.90
N HIS A 294 1.57 13.65 4.02
CA HIS A 294 1.99 14.45 5.17
C HIS A 294 1.63 15.92 5.06
N GLN A 295 1.07 16.35 3.93
CA GLN A 295 0.61 17.72 3.76
C GLN A 295 -0.92 17.80 3.65
N LEU A 296 -1.62 16.88 4.31
CA LEU A 296 -3.07 16.79 4.23
C LEU A 296 -3.78 17.49 5.38
N GLY A 297 -3.39 17.17 6.62
CA GLY A 297 -4.07 17.72 7.78
C GLY A 297 -4.62 16.62 8.67
N ALA A 298 -4.86 16.95 9.94
CA ALA A 298 -5.30 15.93 10.89
C ALA A 298 -6.70 15.42 10.55
N LYS A 299 -7.58 16.29 10.08
CA LYS A 299 -8.96 15.90 9.83
C LYS A 299 -9.07 14.91 8.67
N THR A 300 -8.29 15.13 7.61
CA THR A 300 -8.41 14.28 6.42
C THR A 300 -8.02 12.83 6.73
N LYS A 301 -6.94 12.64 7.50
CA LYS A 301 -6.53 11.29 7.89
C LYS A 301 -7.58 10.63 8.76
N SER A 302 -8.17 11.39 9.69
CA SER A 302 -9.26 10.87 10.50
C SER A 302 -10.46 10.51 9.64
N LEU A 303 -10.73 11.30 8.59
CA LEU A 303 -11.82 10.99 7.69
C LEU A 303 -11.55 9.70 6.92
N VAL A 304 -10.31 9.48 6.49
CA VAL A 304 -9.97 8.23 5.80
C VAL A 304 -10.15 7.04 6.74
N GLN A 305 -9.70 7.18 7.99
CA GLN A 305 -9.88 6.11 8.96
C GLN A 305 -11.37 5.84 9.20
N ASP A 306 -12.18 6.90 9.28
CA ASP A 306 -13.62 6.72 9.45
C ASP A 306 -14.23 6.02 8.25
N LEU A 307 -13.77 6.35 7.04
CA LEU A 307 -14.27 5.67 5.85
C LEU A 307 -13.97 4.17 5.91
N LYS A 308 -12.74 3.82 6.27
CA LYS A 308 -12.40 2.41 6.40
C LYS A 308 -13.22 1.71 7.48
N ILE A 309 -13.43 2.39 8.60
CA ILE A 309 -14.21 1.80 9.69
C ILE A 309 -15.65 1.57 9.25
N LEU A 310 -16.23 2.51 8.51
CA LEU A 310 -17.60 2.35 8.05
C LEU A 310 -17.72 1.25 7.01
N ARG A 311 -16.72 1.11 6.12
CA ARG A 311 -16.74 -0.01 5.18
C ARG A 311 -16.65 -1.35 5.90
N THR A 312 -15.81 -1.42 6.94
CA THR A 312 -15.74 -2.63 7.77
C THR A 312 -17.08 -2.90 8.45
N LEU A 313 -17.74 -1.83 8.92
CA LEU A 313 -19.05 -1.96 9.53
C LEU A 313 -20.07 -2.55 8.56
N LEU A 314 -20.07 -2.06 7.32
CA LEU A 314 -20.99 -2.60 6.32
C LEU A 314 -20.70 -4.06 6.04
N GLN A 315 -19.42 -4.42 5.92
CA GLN A 315 -19.05 -5.82 5.68
C GLN A 315 -19.51 -6.70 6.83
N TYR A 316 -19.30 -6.25 8.07
CA TYR A 316 -19.72 -7.03 9.23
C TYR A 316 -21.23 -7.21 9.27
N LEU A 317 -21.97 -6.13 8.98
CA LEU A 317 -23.43 -6.21 9.00
C LEU A 317 -23.93 -7.17 7.93
N SER A 318 -23.34 -7.12 6.74
CA SER A 318 -23.81 -7.96 5.64
C SER A 318 -23.35 -9.41 5.74
N GLN A 319 -22.28 -9.69 6.50
CA GLN A 319 -21.66 -11.01 6.49
C GLN A 319 -21.92 -11.83 7.74
N TYR A 320 -21.84 -11.24 8.93
CA TYR A 320 -21.83 -12.00 10.17
C TYR A 320 -23.14 -11.82 10.93
N ASP A 321 -23.21 -12.43 12.11
CA ASP A 321 -24.44 -12.49 12.89
C ASP A 321 -24.62 -11.20 13.69
N CYS A 322 -25.69 -11.17 14.49
CA CYS A 322 -26.02 -9.97 15.26
C CYS A 322 -25.08 -9.81 16.46
N VAL A 323 -24.70 -10.92 17.10
CA VAL A 323 -23.84 -10.84 18.27
C VAL A 323 -22.47 -10.29 17.88
N THR A 324 -21.91 -10.76 16.78
CA THR A 324 -20.62 -10.26 16.33
C THR A 324 -20.69 -8.78 15.98
N PHE A 325 -21.78 -8.37 15.31
CA PHE A 325 -21.93 -6.96 14.96
C PHE A 325 -22.03 -6.09 16.19
N LEU A 326 -22.80 -6.53 17.20
CA LEU A 326 -22.91 -5.75 18.43
C LEU A 326 -21.59 -5.70 19.17
N ASN A 327 -20.83 -6.81 19.18
CA ASN A 327 -19.53 -6.81 19.83
C ASN A 327 -18.58 -5.83 19.15
N LEU A 328 -18.57 -5.81 17.82
CA LEU A 328 -17.73 -4.84 17.11
C LEU A 328 -18.19 -3.41 17.38
N LEU A 329 -19.51 -3.19 17.43
CA LEU A 329 -20.02 -1.86 17.69
C LEU A 329 -19.62 -1.36 19.08
N GLU A 330 -19.73 -2.23 20.09
CA GLU A 330 -19.33 -1.84 21.44
C GLU A 330 -17.82 -1.68 21.56
N SER A 331 -17.05 -2.47 20.81
CA SER A 331 -15.60 -2.32 20.82
C SER A 331 -15.20 -0.97 20.25
N LEU A 332 -15.93 -0.48 19.25
CA LEU A 332 -15.63 0.83 18.67
C LEU A 332 -15.81 1.94 19.70
N ARG A 333 -16.87 1.86 20.48
CA ARG A 333 -17.11 2.87 21.52
C ARG A 333 -16.03 2.83 22.59
N ALA A 334 -15.59 1.62 22.97
CA ALA A 334 -14.56 1.49 23.99
C ALA A 334 -13.24 2.10 23.54
N THR A 335 -12.85 1.87 22.29
CA THR A 335 -11.62 2.47 21.78
C THR A 335 -11.71 3.99 21.75
N GLU A 336 -12.87 4.52 21.37
CA GLU A 336 -13.06 5.96 21.36
C GLU A 336 -12.94 6.55 22.75
N LYS A 337 -13.53 5.87 23.75
CA LYS A 337 -13.48 6.38 25.12
C LYS A 337 -12.06 6.50 25.63
N ALA A 338 -11.23 5.49 25.35
CA ALA A 338 -9.84 5.55 25.79
C ALA A 338 -9.02 6.53 24.96
N PHE A 339 -9.18 6.51 23.64
CA PHE A 339 -8.33 7.28 22.75
C PHE A 339 -9.09 8.31 21.93
N GLY A 340 -10.20 7.93 21.31
CA GLY A 340 -10.93 8.84 20.45
C GLY A 340 -10.71 8.60 18.98
N GLN A 341 -10.74 7.34 18.56
CA GLN A 341 -10.51 7.01 17.15
C GLN A 341 -11.61 7.57 16.26
N ASN A 342 -12.87 7.36 16.63
CA ASN A 342 -14.01 7.72 15.80
C ASN A 342 -14.91 8.73 16.51
N SER A 343 -14.30 9.68 17.22
CA SER A 343 -15.09 10.70 17.92
C SER A 343 -15.80 11.64 16.97
N GLY A 344 -15.40 11.68 15.70
CA GLY A 344 -16.01 12.60 14.77
C GLY A 344 -17.46 12.27 14.45
N TRP A 345 -17.79 10.98 14.40
CA TRP A 345 -19.12 10.55 13.98
C TRP A 345 -19.83 9.62 14.96
N LEU A 346 -19.19 9.19 16.04
CA LEU A 346 -19.78 8.20 16.92
C LEU A 346 -20.95 8.74 17.74
N PHE A 347 -21.18 10.05 17.75
CA PHE A 347 -22.23 10.63 18.57
C PHE A 347 -23.29 11.37 17.76
N LEU A 348 -23.25 11.28 16.43
CA LEU A 348 -24.31 11.90 15.64
C LEU A 348 -25.62 11.12 15.79
N ASP A 349 -26.72 11.81 15.47
CA ASP A 349 -28.04 11.21 15.63
C ASP A 349 -28.20 9.95 14.79
N SER A 350 -27.52 9.88 13.64
CA SER A 350 -27.59 8.69 12.82
C SER A 350 -26.79 7.54 13.40
N SER A 351 -25.75 7.84 14.18
CA SER A 351 -24.95 6.78 14.80
C SER A 351 -25.64 6.18 16.01
N THR A 352 -26.43 6.96 16.74
CA THR A 352 -27.13 6.42 17.90
C THR A 352 -28.21 5.42 17.49
N SER A 353 -28.88 5.65 16.35
CA SER A 353 -29.88 4.71 15.88
C SER A 353 -29.26 3.36 15.56
N MET A 354 -28.02 3.35 15.06
CA MET A 354 -27.35 2.09 14.76
C MET A 354 -27.17 1.25 16.02
N PHE A 355 -26.73 1.87 17.11
CA PHE A 355 -26.53 1.14 18.36
C PHE A 355 -27.85 0.60 18.90
N ILE A 356 -28.92 1.41 18.84
CA ILE A 356 -30.21 0.96 19.34
C ILE A 356 -30.73 -0.21 18.50
N ASN A 357 -30.59 -0.13 17.19
CA ASN A 357 -31.05 -1.21 16.32
C ASN A 357 -30.25 -2.49 16.55
N ALA A 358 -28.93 -2.37 16.71
CA ALA A 358 -28.12 -3.56 16.98
C ALA A 358 -28.49 -4.19 18.32
N ARG A 359 -28.68 -3.37 19.35
CA ARG A 359 -29.08 -3.90 20.65
C ARG A 359 -30.43 -4.60 20.54
N ALA A 360 -31.41 -3.96 19.89
CA ALA A 360 -32.71 -4.58 19.73
C ALA A 360 -32.62 -5.87 18.93
N ARG A 361 -31.66 -5.96 18.01
CA ARG A 361 -31.41 -7.23 17.32
C ARG A 361 -30.92 -8.29 18.30
N VAL A 362 -30.05 -7.90 19.23
CA VAL A 362 -29.45 -8.89 20.13
C VAL A 362 -30.35 -9.16 21.33
N TYR A 363 -30.61 -8.15 22.15
CA TYR A 363 -31.41 -8.32 23.36
C TYR A 363 -32.30 -7.10 23.58
N HIS A 364 -33.47 -7.34 24.17
CA HIS A 364 -34.44 -6.29 24.42
C HIS A 364 -34.55 -6.11 25.93
N LEU A 365 -34.32 -4.88 26.40
CA LEU A 365 -34.42 -4.57 27.82
C LEU A 365 -35.85 -4.21 28.18
N PRO A 366 -36.49 -4.91 29.12
CA PRO A 366 -37.87 -4.61 29.52
C PRO A 366 -37.99 -3.31 30.29
N LYS A 389 -31.83 -9.19 34.07
CA LYS A 389 -33.08 -8.84 33.40
C LYS A 389 -32.86 -8.56 31.92
N LYS A 390 -32.45 -9.59 31.18
CA LYS A 390 -32.18 -9.49 29.75
C LYS A 390 -32.89 -10.63 29.05
N GLU A 391 -33.99 -10.33 28.37
CA GLU A 391 -34.70 -11.32 27.56
C GLU A 391 -34.15 -11.23 26.15
N LEU A 392 -33.27 -12.18 25.82
CA LEU A 392 -32.55 -12.15 24.55
C LEU A 392 -33.50 -12.37 23.38
N VAL A 393 -33.26 -11.63 22.30
CA VAL A 393 -34.01 -11.80 21.07
C VAL A 393 -33.30 -12.77 20.12
N LEU A 394 -32.01 -12.53 19.87
CA LEU A 394 -31.16 -13.40 19.08
C LEU A 394 -31.75 -13.64 17.69
N GLU A 395 -31.86 -12.56 16.93
CA GLU A 395 -32.44 -12.62 15.59
C GLU A 395 -31.42 -13.18 14.61
N SER A 396 -31.78 -14.26 13.92
CA SER A 396 -30.89 -14.90 12.97
C SER A 396 -30.99 -14.23 11.61
N ASN A 397 -29.89 -14.32 10.86
CA ASN A 397 -29.86 -13.73 9.52
C ASN A 397 -30.79 -14.51 8.59
N PRO A 398 -31.59 -13.82 7.77
CA PRO A 398 -32.54 -14.52 6.90
C PRO A 398 -31.88 -15.39 5.84
N LYS A 399 -30.60 -15.15 5.52
CA LYS A 399 -29.94 -15.94 4.48
C LYS A 399 -29.73 -17.38 4.91
N TRP A 400 -29.60 -17.63 6.22
CA TRP A 400 -29.42 -19.00 6.69
C TRP A 400 -30.64 -19.87 6.37
N GLU A 401 -31.84 -19.33 6.57
CA GLU A 401 -33.04 -20.07 6.24
C GLU A 401 -33.12 -20.35 4.74
N ALA A 402 -32.75 -19.36 3.92
CA ALA A 402 -32.75 -19.57 2.47
C ALA A 402 -31.77 -20.67 2.07
N LEU A 403 -30.58 -20.67 2.67
CA LEU A 403 -29.62 -21.73 2.39
C LEU A 403 -30.15 -23.09 2.83
N THR A 404 -30.83 -23.13 3.99
CA THR A 404 -31.40 -24.39 4.46
C THR A 404 -32.45 -24.91 3.49
N GLU A 405 -33.32 -24.03 2.99
CA GLU A 405 -34.34 -24.45 2.03
C GLU A 405 -33.71 -24.92 0.72
N VAL A 406 -32.67 -24.22 0.26
CA VAL A 406 -31.99 -24.63 -0.97
C VAL A 406 -31.37 -26.00 -0.80
N LEU A 407 -30.71 -26.24 0.34
CA LEU A 407 -30.09 -27.53 0.59
C LEU A 407 -31.15 -28.63 0.70
N LYS A 408 -32.28 -28.33 1.32
CA LYS A 408 -33.35 -29.33 1.42
C LYS A 408 -33.90 -29.68 0.04
N GLU A 409 -34.10 -28.68 -0.81
CA GLU A 409 -34.57 -28.94 -2.18
C GLU A 409 -33.54 -29.76 -2.96
N ILE A 410 -32.26 -29.43 -2.80
CA ILE A 410 -31.21 -30.18 -3.49
C ILE A 410 -31.19 -31.64 -3.04
N GLU A 411 -31.31 -31.85 -1.72
CA GLU A 411 -31.32 -33.22 -1.20
C GLU A 411 -32.53 -33.99 -1.71
N ALA A 412 -33.70 -33.35 -1.74
CA ALA A 412 -34.89 -34.01 -2.25
C ALA A 412 -34.73 -34.39 -3.71
N GLU A 413 -34.17 -33.48 -4.52
CA GLU A 413 -33.94 -33.78 -5.93
C GLU A 413 -32.94 -34.91 -6.10
N ASN A 414 -31.87 -34.91 -5.30
CA ASN A 414 -30.88 -35.98 -5.38
C ASN A 414 -31.49 -37.33 -5.03
N LYS A 415 -32.32 -37.37 -3.99
CA LYS A 415 -32.97 -38.62 -3.61
C LYS A 415 -33.95 -39.07 -4.69
N GLU A 416 -34.70 -38.14 -5.28
CA GLU A 416 -35.69 -38.51 -6.28
C GLU A 416 -35.04 -38.98 -7.57
N SER A 417 -33.95 -38.36 -7.98
CA SER A 417 -33.29 -38.67 -9.25
C SER A 417 -32.11 -39.62 -9.08
N GLU A 418 -32.18 -40.51 -8.09
CA GLU A 418 -31.10 -41.49 -7.91
C GLU A 418 -31.06 -42.50 -9.05
N ALA A 419 -32.19 -42.73 -9.71
CA ALA A 419 -32.21 -43.66 -10.83
C ALA A 419 -31.34 -43.17 -11.99
N LEU A 420 -31.39 -41.88 -12.28
CA LEU A 420 -30.62 -41.30 -13.39
C LEU A 420 -29.26 -40.84 -12.88
N GLY A 421 -28.32 -41.78 -12.86
CA GLY A 421 -26.97 -41.49 -12.41
C GLY A 421 -26.87 -41.41 -10.90
N GLY A 422 -25.68 -41.09 -10.43
CA GLY A 422 -25.41 -40.99 -9.01
C GLY A 422 -25.85 -39.65 -8.45
N PRO A 423 -25.66 -39.47 -7.14
CA PRO A 423 -26.00 -38.17 -6.52
C PRO A 423 -25.08 -37.05 -6.97
N GLY A 424 -25.57 -35.82 -6.95
CA GLY A 424 -24.78 -34.68 -7.37
C GLY A 424 -24.15 -33.97 -6.20
N GLN A 425 -22.84 -33.80 -6.26
CA GLN A 425 -22.12 -33.08 -5.22
C GLN A 425 -22.48 -31.59 -5.28
N VAL A 426 -22.56 -30.98 -4.11
CA VAL A 426 -22.96 -29.58 -3.97
C VAL A 426 -21.81 -28.81 -3.32
N LEU A 427 -21.43 -27.70 -3.95
CA LEU A 427 -20.36 -26.84 -3.44
C LEU A 427 -20.95 -25.49 -3.06
N ILE A 428 -20.70 -25.07 -1.82
CA ILE A 428 -21.20 -23.80 -1.29
C ILE A 428 -20.02 -22.85 -1.18
N CYS A 429 -20.18 -21.63 -1.70
CA CYS A 429 -19.12 -20.65 -1.72
C CYS A 429 -19.55 -19.42 -0.92
N ALA A 430 -18.73 -19.03 0.05
CA ALA A 430 -18.96 -17.83 0.85
C ALA A 430 -17.82 -16.84 0.60
N SER A 431 -17.97 -15.65 1.18
CA SER A 431 -17.01 -14.58 0.92
C SER A 431 -15.63 -14.90 1.51
N ASP A 432 -15.59 -15.31 2.78
CA ASP A 432 -14.33 -15.54 3.47
C ASP A 432 -14.47 -16.77 4.37
N ASP A 433 -13.38 -17.11 5.04
CA ASP A 433 -13.35 -18.30 5.89
C ASP A 433 -14.25 -18.14 7.11
N ARG A 434 -14.39 -16.91 7.63
CA ARG A 434 -15.26 -16.70 8.78
C ARG A 434 -16.71 -17.02 8.44
N THR A 435 -17.16 -16.61 7.24
CA THR A 435 -18.53 -16.92 6.82
C THR A 435 -18.71 -18.42 6.64
N CYS A 436 -17.69 -19.11 6.11
CA CYS A 436 -17.79 -20.56 5.96
C CYS A 436 -17.89 -21.26 7.31
N SER A 437 -17.09 -20.80 8.29
CA SER A 437 -17.19 -21.37 9.63
C SER A 437 -18.56 -21.10 10.24
N GLN A 438 -19.09 -19.89 10.03
CA GLN A 438 -20.42 -19.57 10.52
C GLN A 438 -21.47 -20.49 9.89
N LEU A 439 -21.36 -20.74 8.59
CA LEU A 439 -22.32 -21.59 7.91
C LEU A 439 -22.23 -23.03 8.40
N ARG A 440 -21.01 -23.54 8.62
CA ARG A 440 -20.88 -24.89 9.16
C ARG A 440 -21.47 -24.99 10.56
N ASP A 441 -21.19 -24.00 11.42
CA ASP A 441 -21.73 -24.03 12.76
C ASP A 441 -23.24 -23.92 12.76
N TYR A 442 -23.81 -23.20 11.79
CA TYR A 442 -25.27 -23.11 11.70
C TYR A 442 -25.87 -24.42 11.21
N ILE A 443 -25.27 -25.03 10.19
CA ILE A 443 -25.83 -26.25 9.62
C ILE A 443 -25.73 -27.40 10.61
N THR A 444 -24.57 -27.56 11.24
CA THR A 444 -24.36 -28.69 12.13
C THR A 444 -25.26 -28.61 13.37
N LEU A 445 -25.38 -27.42 13.97
CA LEU A 445 -26.05 -27.28 15.26
C LEU A 445 -27.45 -26.70 15.15
N GLY A 446 -27.78 -26.03 14.05
CA GLY A 446 -29.03 -25.31 13.96
C GLY A 446 -28.93 -23.90 14.51
N ALA A 447 -29.96 -23.10 14.21
CA ALA A 447 -29.94 -21.70 14.63
C ALA A 447 -29.92 -21.56 16.14
N GLU A 448 -30.70 -22.38 16.84
CA GLU A 448 -30.85 -22.28 18.29
C GLU A 448 -29.53 -22.39 19.02
N ALA A 449 -28.89 -23.57 18.94
CA ALA A 449 -27.67 -23.82 19.70
C ALA A 449 -26.52 -22.94 19.23
N PHE A 450 -26.43 -22.69 17.92
CA PHE A 450 -25.35 -21.87 17.38
C PHE A 450 -25.45 -20.42 17.89
N LEU A 451 -26.64 -19.83 17.81
CA LEU A 451 -26.82 -18.49 18.33
C LEU A 451 -26.63 -18.43 19.84
N LEU A 452 -27.11 -19.46 20.55
CA LEU A 452 -26.93 -19.48 22.00
C LEU A 452 -25.45 -19.57 22.37
N ARG A 453 -24.68 -20.36 21.63
CA ARG A 453 -23.24 -20.45 21.89
C ARG A 453 -22.56 -19.12 21.63
N LEU A 454 -22.92 -18.44 20.54
CA LEU A 454 -22.34 -17.12 20.28
C LEU A 454 -22.68 -16.14 21.39
N TYR A 455 -23.92 -16.14 21.86
CA TYR A 455 -24.33 -15.21 22.89
C TYR A 455 -23.62 -15.51 24.21
N ARG A 456 -23.50 -16.80 24.56
CA ARG A 456 -22.86 -17.18 25.81
C ARG A 456 -21.36 -16.94 25.78
N LYS A 457 -20.75 -16.94 24.59
CA LYS A 457 -19.32 -16.70 24.50
C LYS A 457 -18.95 -15.32 25.01
N THR A 458 -19.81 -14.32 24.80
CA THR A 458 -19.54 -12.94 25.17
C THR A 458 -20.35 -12.47 26.37
N PHE A 459 -21.66 -12.67 26.35
CA PHE A 459 -22.53 -12.11 27.37
C PHE A 459 -22.55 -12.99 28.63
N GLU A 460 -23.20 -12.47 29.66
CA GLU A 460 -23.27 -13.15 30.94
C GLU A 460 -24.12 -14.41 30.86
N LYS A 461 -23.79 -15.39 31.70
CA LYS A 461 -24.52 -16.64 31.74
C LYS A 461 -25.83 -16.48 32.50
N ASP A 462 -26.94 -16.89 31.88
CA ASP A 462 -28.25 -16.78 32.50
C ASP A 462 -29.13 -17.90 31.93
N SER A 463 -29.29 -18.97 32.70
CA SER A 463 -30.12 -20.09 32.26
C SER A 463 -31.61 -19.80 32.36
N LYS A 464 -32.01 -18.80 33.13
CA LYS A 464 -33.42 -18.47 33.27
C LYS A 464 -33.96 -17.78 32.03
N ALA A 465 -33.20 -16.84 31.47
CA ALA A 465 -33.65 -16.10 30.30
C ALA A 465 -33.54 -16.93 29.02
N GLU A 466 -32.51 -17.77 28.91
CA GLU A 466 -32.31 -18.54 27.68
C GLU A 466 -33.34 -19.63 27.49
N GLU A 467 -33.93 -20.15 28.58
CA GLU A 467 -34.95 -21.19 28.43
C GLU A 467 -36.27 -20.62 27.93
N VAL A 468 -36.60 -19.38 28.31
CA VAL A 468 -37.81 -18.76 27.79
C VAL A 468 -37.65 -18.42 26.32
N TRP A 469 -36.43 -18.15 25.87
CA TRP A 469 -36.21 -17.71 24.50
C TRP A 469 -36.57 -18.80 23.50
N MET A 470 -36.08 -20.02 23.71
CA MET A 470 -36.29 -21.07 22.72
C MET A 470 -37.75 -21.54 22.69
N LYS A 471 -38.47 -21.38 23.80
CA LYS A 471 -39.90 -21.71 23.77
C LYS A 471 -40.65 -20.80 22.81
N PHE A 472 -40.33 -19.51 22.81
CA PHE A 472 -40.93 -18.59 21.85
C PHE A 472 -40.53 -18.91 20.42
N ARG A 473 -39.24 -19.23 20.21
CA ARG A 473 -38.75 -19.43 18.86
C ARG A 473 -39.21 -20.77 18.28
N LYS A 474 -39.24 -21.82 19.11
CA LYS A 474 -39.65 -23.13 18.63
C LYS A 474 -41.14 -23.23 18.35
N GLU A 475 -41.93 -22.25 18.77
CA GLU A 475 -43.37 -22.25 18.52
C GLU A 475 -43.69 -21.70 17.14
N ALA A 561 -8.64 -25.45 3.76
CA ALA A 561 -9.70 -24.45 3.62
C ALA A 561 -10.95 -25.06 3.02
N ALA A 562 -10.87 -26.34 2.66
CA ALA A 562 -11.99 -27.05 2.04
C ALA A 562 -12.84 -27.66 3.15
N PHE A 563 -13.84 -26.89 3.59
CA PHE A 563 -14.75 -27.38 4.62
C PHE A 563 -15.64 -28.48 4.06
N GLY A 564 -15.98 -29.44 4.90
CA GLY A 564 -16.71 -30.62 4.47
C GLY A 564 -17.98 -30.85 5.27
N ILE A 565 -19.05 -31.24 4.57
CA ILE A 565 -20.33 -31.59 5.18
C ILE A 565 -20.88 -32.81 4.45
N LEU A 566 -21.56 -33.67 5.20
CA LEU A 566 -22.27 -34.85 4.67
C LEU A 566 -21.31 -35.90 4.12
N LYS A 567 -21.81 -37.12 3.89
CA LYS A 567 -20.98 -38.22 3.45
C LYS A 567 -21.35 -38.74 2.07
N GLU A 568 -22.61 -39.11 1.84
CA GLU A 568 -22.97 -39.70 0.55
C GLU A 568 -22.93 -38.64 -0.56
N PRO A 569 -23.23 -37.35 -0.29
CA PRO A 569 -22.78 -36.31 -1.22
C PRO A 569 -21.48 -35.70 -0.74
N LEU A 570 -20.87 -34.83 -1.54
CA LEU A 570 -19.69 -34.08 -1.12
C LEU A 570 -20.11 -32.62 -1.01
N THR A 571 -20.64 -32.25 0.16
CA THR A 571 -21.05 -30.88 0.45
C THR A 571 -19.82 -30.13 0.95
N ILE A 572 -19.23 -29.31 0.08
CA ILE A 572 -17.99 -28.58 0.38
C ILE A 572 -18.30 -27.11 0.49
N ILE A 573 -17.78 -26.47 1.53
CA ILE A 573 -17.85 -25.03 1.70
C ILE A 573 -16.45 -24.47 1.53
N HIS A 574 -16.31 -23.48 0.64
CA HIS A 574 -15.02 -22.88 0.36
C HIS A 574 -15.16 -21.38 0.21
N PRO A 575 -14.27 -20.61 0.83
CA PRO A 575 -14.34 -19.14 0.69
C PRO A 575 -14.04 -18.69 -0.73
N LEU A 576 -14.70 -17.61 -1.12
CA LEU A 576 -14.44 -17.01 -2.43
C LEU A 576 -13.14 -16.22 -2.46
N LEU A 577 -12.81 -15.54 -1.36
CA LEU A 577 -11.65 -14.66 -1.29
C LEU A 577 -10.88 -14.92 -0.01
N GLY A 578 -9.74 -14.24 0.12
CA GLY A 578 -8.93 -14.31 1.32
C GLY A 578 -7.98 -15.48 1.41
N CYS A 579 -7.98 -16.36 0.42
CA CYS A 579 -7.10 -17.52 0.43
C CYS A 579 -5.70 -17.13 -0.02
N SER A 580 -4.70 -17.77 0.60
CA SER A 580 -3.31 -17.51 0.20
C SER A 580 -3.06 -17.95 -1.22
N ASP A 581 -3.61 -19.10 -1.62
CA ASP A 581 -3.49 -19.59 -2.99
C ASP A 581 -4.67 -19.08 -3.80
N PRO A 582 -4.45 -18.25 -4.82
CA PRO A 582 -5.58 -17.77 -5.64
C PRO A 582 -6.29 -18.89 -6.39
N TYR A 583 -5.62 -20.02 -6.61
CA TYR A 583 -6.21 -21.14 -7.34
C TYR A 583 -6.68 -22.26 -6.41
N ALA A 584 -6.83 -21.96 -5.11
CA ALA A 584 -7.35 -22.96 -4.19
C ALA A 584 -8.79 -23.34 -4.54
N LEU A 585 -9.60 -22.35 -4.88
CA LEU A 585 -10.99 -22.61 -5.25
C LEU A 585 -11.09 -23.36 -6.57
N THR A 586 -10.19 -23.07 -7.51
CA THR A 586 -10.20 -23.77 -8.79
C THR A 586 -9.93 -25.26 -8.61
N ARG A 587 -9.01 -25.62 -7.73
CA ARG A 587 -8.72 -27.02 -7.47
C ARG A 587 -9.92 -27.73 -6.88
N VAL A 588 -10.62 -27.08 -5.94
CA VAL A 588 -11.82 -27.67 -5.36
C VAL A 588 -12.90 -27.83 -6.40
N LEU A 589 -13.08 -26.82 -7.26
CA LEU A 589 -14.10 -26.89 -8.29
C LEU A 589 -13.82 -28.02 -9.28
N HIS A 590 -12.57 -28.20 -9.67
CA HIS A 590 -12.21 -29.24 -10.62
C HIS A 590 -11.99 -30.60 -9.97
N GLU A 591 -11.99 -30.67 -8.64
CA GLU A 591 -11.77 -31.92 -7.92
C GLU A 591 -13.06 -32.56 -7.43
N VAL A 592 -14.02 -31.77 -6.95
CA VAL A 592 -15.29 -32.32 -6.50
C VAL A 592 -16.29 -32.47 -7.63
N GLU A 593 -16.08 -31.80 -8.76
CA GLU A 593 -16.97 -31.86 -9.92
C GLU A 593 -18.43 -31.64 -9.52
N PRO A 594 -18.77 -30.46 -9.02
CA PRO A 594 -20.11 -30.26 -8.45
C PRO A 594 -21.19 -30.29 -9.52
N ARG A 595 -22.37 -30.76 -9.12
CA ARG A 595 -23.57 -30.66 -9.94
C ARG A 595 -24.39 -29.44 -9.58
N TYR A 596 -24.43 -29.08 -8.30
CA TYR A 596 -25.08 -27.87 -7.83
C TYR A 596 -24.05 -26.98 -7.15
N VAL A 597 -24.13 -25.69 -7.41
CA VAL A 597 -23.27 -24.69 -6.78
C VAL A 597 -24.15 -23.67 -6.10
N VAL A 598 -23.96 -23.49 -4.80
CA VAL A 598 -24.74 -22.55 -4.01
C VAL A 598 -23.85 -21.35 -3.72
N LEU A 599 -24.09 -20.25 -4.43
CA LEU A 599 -23.31 -19.03 -4.25
C LEU A 599 -23.93 -18.23 -3.11
N TYR A 600 -23.45 -18.50 -1.89
CA TYR A 600 -23.89 -17.70 -0.75
C TYR A 600 -23.47 -16.25 -0.92
N ASP A 601 -22.37 -16.00 -1.62
CA ASP A 601 -21.95 -14.67 -2.00
C ASP A 601 -21.53 -14.69 -3.46
N ALA A 602 -21.62 -13.54 -4.12
CA ALA A 602 -21.41 -13.43 -5.55
C ALA A 602 -20.11 -12.73 -5.85
N GLU A 603 -19.31 -13.33 -6.74
CA GLU A 603 -18.08 -12.72 -7.24
C GLU A 603 -18.07 -12.85 -8.76
N LEU A 604 -17.75 -11.75 -9.44
CA LEU A 604 -17.77 -11.75 -10.90
C LEU A 604 -16.75 -12.73 -11.47
N THR A 605 -15.55 -12.75 -10.89
CA THR A 605 -14.51 -13.64 -11.37
C THR A 605 -14.94 -15.10 -11.27
N PHE A 606 -15.53 -15.49 -10.14
CA PHE A 606 -15.95 -16.88 -9.99
C PHE A 606 -17.18 -17.18 -10.85
N VAL A 607 -18.05 -16.21 -11.08
CA VAL A 607 -19.18 -16.44 -11.99
C VAL A 607 -18.67 -16.74 -13.40
N ARG A 608 -17.71 -15.93 -13.88
CA ARG A 608 -17.14 -16.19 -15.19
C ARG A 608 -16.39 -17.51 -15.22
N GLN A 609 -15.70 -17.85 -14.12
CA GLN A 609 -15.00 -19.13 -14.06
C GLN A 609 -15.98 -20.29 -14.11
N LEU A 610 -17.15 -20.13 -13.48
CA LEU A 610 -18.18 -21.16 -13.57
C LEU A 610 -18.72 -21.28 -14.99
N GLU A 611 -18.89 -20.15 -15.68
CA GLU A 611 -19.33 -20.21 -17.07
C GLU A 611 -18.31 -20.94 -17.93
N ILE A 612 -17.01 -20.67 -17.74
CA ILE A 612 -15.97 -21.37 -18.49
C ILE A 612 -15.96 -22.85 -18.15
N TYR A 613 -16.08 -23.18 -16.86
CA TYR A 613 -16.04 -24.57 -16.42
C TYR A 613 -17.20 -25.36 -16.99
N ARG A 614 -18.40 -24.77 -17.01
CA ARG A 614 -19.54 -25.45 -17.60
C ARG A 614 -19.35 -25.68 -19.09
N ALA A 615 -18.81 -24.69 -19.81
CA ALA A 615 -18.57 -24.83 -21.24
C ALA A 615 -17.46 -25.83 -21.54
N SER A 616 -16.57 -26.09 -20.59
CA SER A 616 -15.53 -27.09 -20.78
C SER A 616 -16.06 -28.51 -20.68
N ARG A 617 -17.29 -28.69 -20.19
CA ARG A 617 -17.94 -30.00 -20.10
C ARG A 617 -19.26 -29.91 -20.86
N PRO A 618 -19.26 -30.15 -22.17
CA PRO A 618 -20.49 -29.97 -22.96
C PRO A 618 -21.61 -30.92 -22.58
N GLY A 619 -21.31 -32.05 -21.94
CA GLY A 619 -22.34 -33.02 -21.63
C GLY A 619 -22.93 -32.87 -20.25
N LYS A 620 -22.08 -32.68 -19.25
CA LYS A 620 -22.54 -32.64 -17.86
C LYS A 620 -23.17 -31.28 -17.55
N PRO A 621 -24.41 -31.23 -17.09
CA PRO A 621 -25.03 -29.95 -16.74
C PRO A 621 -24.62 -29.49 -15.34
N LEU A 622 -24.91 -28.23 -15.07
CA LEU A 622 -24.58 -27.64 -13.77
C LEU A 622 -25.55 -26.50 -13.48
N ARG A 623 -26.09 -26.50 -12.26
CA ARG A 623 -27.02 -25.46 -11.81
C ARG A 623 -26.38 -24.69 -10.66
N VAL A 624 -26.44 -23.36 -10.73
CA VAL A 624 -25.85 -22.49 -9.72
C VAL A 624 -26.95 -21.66 -9.09
N TYR A 625 -26.98 -21.65 -7.76
CA TYR A 625 -27.97 -20.89 -6.99
C TYR A 625 -27.37 -19.56 -6.53
N PHE A 626 -28.16 -18.50 -6.65
CA PHE A 626 -27.76 -17.17 -6.22
C PHE A 626 -28.59 -16.77 -5.01
N LEU A 627 -27.93 -16.39 -3.92
CA LEU A 627 -28.57 -15.88 -2.72
C LEU A 627 -28.28 -14.39 -2.63
N ILE A 628 -29.31 -13.56 -2.78
CA ILE A 628 -29.15 -12.12 -2.85
C ILE A 628 -30.10 -11.48 -1.83
N TYR A 629 -29.56 -10.60 -1.00
CA TYR A 629 -30.39 -9.82 -0.09
C TYR A 629 -31.12 -8.72 -0.87
N GLY A 630 -32.40 -8.53 -0.55
CA GLY A 630 -33.19 -7.53 -1.23
C GLY A 630 -32.78 -6.10 -0.91
N GLY A 631 -32.21 -5.42 -1.89
CA GLY A 631 -31.81 -4.03 -1.71
C GLY A 631 -30.68 -3.84 -0.72
N SER A 632 -29.65 -4.67 -0.76
CA SER A 632 -28.50 -4.56 0.11
C SER A 632 -27.30 -4.04 -0.66
N THR A 633 -26.22 -3.74 0.07
CA THR A 633 -25.03 -3.18 -0.54
C THR A 633 -24.27 -4.19 -1.38
N GLU A 634 -24.42 -5.49 -1.11
CA GLU A 634 -23.70 -6.49 -1.89
C GLU A 634 -24.28 -6.59 -3.30
N GLU A 635 -25.61 -6.60 -3.42
CA GLU A 635 -26.24 -6.58 -4.74
C GLU A 635 -25.89 -5.31 -5.50
N GLN A 636 -25.88 -4.17 -4.80
CA GLN A 636 -25.48 -2.92 -5.44
C GLN A 636 -24.04 -3.01 -5.93
N ARG A 637 -23.15 -3.61 -5.14
CA ARG A 637 -21.77 -3.78 -5.56
C ARG A 637 -21.66 -4.65 -6.80
N TYR A 638 -22.41 -5.76 -6.84
CA TYR A 638 -22.36 -6.65 -8.00
C TYR A 638 -22.84 -5.94 -9.26
N LEU A 639 -23.97 -5.24 -9.15
CA LEU A 639 -24.50 -4.52 -10.30
C LEU A 639 -23.56 -3.40 -10.74
N THR A 640 -22.97 -2.70 -9.77
CA THR A 640 -22.02 -1.64 -10.10
C THR A 640 -20.80 -2.19 -10.80
N ALA A 641 -20.28 -3.33 -10.34
CA ALA A 641 -19.13 -3.93 -11.01
C ALA A 641 -19.46 -4.32 -12.44
N LEU A 642 -20.63 -4.94 -12.65
CA LEU A 642 -21.03 -5.30 -14.01
C LEU A 642 -21.15 -4.08 -14.90
N ARG A 643 -21.82 -3.03 -14.40
CA ARG A 643 -22.01 -1.82 -15.20
C ARG A 643 -20.69 -1.13 -15.50
N LYS A 644 -19.79 -1.08 -14.52
CA LYS A 644 -18.49 -0.43 -14.74
C LYS A 644 -17.65 -1.20 -15.75
N GLU A 645 -17.68 -2.54 -15.68
CA GLU A 645 -16.96 -3.32 -16.69
C GLU A 645 -17.53 -3.07 -18.08
N LYS A 646 -18.86 -3.04 -18.21
CA LYS A 646 -19.46 -2.78 -19.51
C LYS A 646 -19.07 -1.40 -20.04
N GLU A 647 -19.12 -0.39 -19.17
CA GLU A 647 -18.78 0.96 -19.59
C GLU A 647 -17.32 1.06 -19.99
N ALA A 648 -16.43 0.43 -19.23
CA ALA A 648 -15.01 0.46 -19.58
C ALA A 648 -14.75 -0.22 -20.91
N PHE A 649 -15.41 -1.34 -21.17
CA PHE A 649 -15.20 -2.03 -22.45
C PHE A 649 -15.78 -1.22 -23.61
N GLU A 650 -16.92 -0.55 -23.40
CA GLU A 650 -17.46 0.32 -24.43
C GLU A 650 -16.50 1.47 -24.73
N LYS A 651 -15.93 2.08 -23.68
CA LYS A 651 -14.97 3.15 -23.88
C LYS A 651 -13.74 2.67 -24.62
N LEU A 652 -13.25 1.47 -24.28
CA LEU A 652 -12.08 0.91 -24.97
C LEU A 652 -12.39 0.64 -26.44
N ILE A 653 -13.59 0.13 -26.72
CA ILE A 653 -13.98 -0.13 -28.11
C ILE A 653 -14.04 1.18 -28.89
N ARG A 654 -14.61 2.22 -28.29
CA ARG A 654 -14.64 3.52 -28.95
C ARG A 654 -13.24 4.06 -29.18
N GLU A 655 -12.35 3.90 -28.18
CA GLU A 655 -10.99 4.41 -28.31
C GLU A 655 -10.19 3.69 -29.37
N LYS A 656 -10.44 2.38 -29.55
CA LYS A 656 -9.70 1.62 -30.55
C LYS A 656 -9.88 2.20 -31.95
N ALA A 657 -11.07 2.71 -32.25
CA ALA A 657 -11.29 3.36 -33.53
C ALA A 657 -10.45 4.62 -33.66
N SER A 658 -10.38 5.42 -32.59
CA SER A 658 -9.59 6.65 -32.63
C SER A 658 -8.09 6.38 -32.65
N MET A 659 -7.66 5.20 -32.21
CA MET A 659 -6.24 4.84 -32.16
C MET A 659 -5.70 4.39 -33.51
N VAL A 660 -6.57 4.11 -34.48
CA VAL A 660 -6.15 3.50 -35.74
C VAL A 660 -5.13 4.40 -36.44
N VAL A 661 -5.52 5.64 -36.74
CA VAL A 661 -4.63 6.54 -37.48
C VAL A 661 -3.34 6.84 -36.72
N PRO A 662 -3.38 7.26 -35.43
CA PRO A 662 -2.11 7.55 -34.73
C PRO A 662 -1.49 6.29 -34.11
N GLU A 663 -1.22 5.30 -34.95
CA GLU A 663 -0.62 4.05 -34.51
C GLU A 663 0.91 4.07 -34.61
N GLU A 664 1.49 5.18 -35.06
CA GLU A 664 2.94 5.36 -35.26
C GLU A 664 3.68 4.09 -35.67
N THR A 699 34.56 8.79 -22.25
CA THR A 699 33.92 9.65 -21.25
C THR A 699 32.47 9.23 -21.02
N GLN A 700 32.29 8.10 -20.34
CA GLN A 700 30.96 7.57 -20.04
C GLN A 700 30.67 7.82 -18.56
N GLN A 701 29.72 8.71 -18.29
CA GLN A 701 29.35 9.02 -16.92
C GLN A 701 28.40 7.98 -16.36
N SER A 702 28.62 7.60 -15.10
CA SER A 702 27.79 6.60 -14.43
C SER A 702 27.38 7.10 -13.06
N ILE A 703 26.22 6.65 -12.61
CA ILE A 703 25.66 7.05 -11.31
C ILE A 703 25.22 5.79 -10.57
N VAL A 704 25.63 5.67 -9.32
CA VAL A 704 25.21 4.56 -8.48
C VAL A 704 23.83 4.87 -7.92
N VAL A 705 22.87 3.97 -8.14
CA VAL A 705 21.47 4.19 -7.78
C VAL A 705 21.05 3.12 -6.78
N ASP A 706 20.38 3.56 -5.71
CA ASP A 706 19.85 2.63 -4.73
C ASP A 706 18.73 1.79 -5.33
N MET A 707 18.58 0.57 -4.82
CA MET A 707 17.58 -0.34 -5.35
C MET A 707 16.16 0.18 -5.13
N ARG A 708 15.91 0.82 -3.99
CA ARG A 708 14.58 1.30 -3.66
C ARG A 708 14.11 2.44 -4.56
N GLU A 709 15.02 3.09 -5.29
CA GLU A 709 14.66 4.23 -6.12
C GLU A 709 14.08 3.81 -7.47
N PHE A 710 14.10 2.53 -7.81
CA PHE A 710 13.65 2.09 -9.12
C PHE A 710 12.13 2.03 -9.25
N ARG A 711 11.40 2.23 -8.15
CA ARG A 711 9.95 2.43 -8.24
C ARG A 711 9.62 3.91 -8.46
N SER A 712 10.28 4.49 -9.47
CA SER A 712 10.13 5.91 -9.77
C SER A 712 10.61 6.13 -11.19
N GLU A 713 10.27 7.31 -11.72
CA GLU A 713 10.64 7.65 -13.10
C GLU A 713 12.06 8.19 -13.21
N LEU A 714 12.68 8.57 -12.10
CA LEU A 714 14.01 9.18 -12.17
C LEU A 714 15.09 8.25 -12.71
N PRO A 715 15.21 6.99 -12.27
CA PRO A 715 16.24 6.12 -12.88
C PRO A 715 16.03 5.90 -14.36
N SER A 716 14.77 5.82 -14.82
CA SER A 716 14.52 5.64 -16.25
C SER A 716 14.93 6.88 -17.04
N LEU A 717 14.67 8.06 -16.49
CA LEU A 717 15.06 9.29 -17.17
C LEU A 717 16.56 9.49 -17.17
N ILE A 718 17.23 9.08 -16.09
CA ILE A 718 18.69 9.18 -16.02
C ILE A 718 19.34 8.31 -17.10
N HIS A 719 18.83 7.08 -17.25
CA HIS A 719 19.35 6.19 -18.30
C HIS A 719 19.06 6.75 -19.69
N ARG A 720 17.95 7.48 -19.85
CA ARG A 720 17.59 8.01 -21.16
C ARG A 720 18.59 9.06 -21.62
N ARG A 721 19.11 9.87 -20.69
CA ARG A 721 20.05 10.93 -21.06
C ARG A 721 21.36 10.38 -21.63
N GLY A 722 21.70 9.13 -21.33
CA GLY A 722 22.88 8.53 -21.92
C GLY A 722 23.98 8.17 -20.93
N ILE A 723 23.61 8.02 -19.67
CA ILE A 723 24.55 7.65 -18.61
C ILE A 723 24.10 6.33 -18.00
N ASP A 724 25.03 5.39 -17.87
CA ASP A 724 24.69 4.07 -17.37
C ASP A 724 24.46 4.10 -15.87
N ILE A 725 23.79 3.07 -15.37
CA ILE A 725 23.32 3.00 -13.99
C ILE A 725 23.93 1.76 -13.33
N GLU A 726 24.44 1.94 -12.11
CA GLU A 726 24.92 0.83 -11.31
C GLU A 726 23.96 0.59 -10.15
N PRO A 727 23.08 -0.41 -10.24
CA PRO A 727 22.08 -0.61 -9.18
C PRO A 727 22.62 -1.44 -8.02
N VAL A 728 22.68 -0.84 -6.84
CA VAL A 728 23.12 -1.51 -5.62
C VAL A 728 22.13 -1.16 -4.51
N THR A 729 22.38 -1.73 -3.33
CA THR A 729 21.64 -1.40 -2.12
C THR A 729 22.49 -0.44 -1.28
N LEU A 730 21.98 0.76 -1.06
CA LEU A 730 22.72 1.81 -0.37
C LEU A 730 22.13 2.02 1.02
N GLU A 731 23.00 2.01 2.03
CA GLU A 731 22.61 2.37 3.39
C GLU A 731 22.78 3.86 3.66
N VAL A 732 23.44 4.60 2.77
CA VAL A 732 23.64 6.03 2.92
C VAL A 732 23.31 6.72 1.60
N GLY A 733 22.19 7.43 1.56
CA GLY A 733 21.80 8.17 0.38
C GLY A 733 21.11 7.31 -0.67
N ASP A 734 20.68 7.99 -1.74
CA ASP A 734 20.00 7.33 -2.85
C ASP A 734 20.75 7.39 -4.16
N TYR A 735 21.55 8.43 -4.39
CA TYR A 735 22.32 8.58 -5.61
C TYR A 735 23.74 9.01 -5.27
N ILE A 736 24.71 8.38 -5.92
CA ILE A 736 26.13 8.72 -5.76
C ILE A 736 26.60 9.26 -7.11
N LEU A 737 26.58 10.59 -7.26
CA LEU A 737 26.94 11.18 -8.54
C LEU A 737 28.44 11.13 -8.78
N THR A 738 29.24 11.45 -7.77
CA THR A 738 30.69 11.48 -7.85
C THR A 738 31.25 10.65 -6.69
N PRO A 739 32.57 10.44 -6.67
CA PRO A 739 33.15 9.75 -5.50
C PRO A 739 32.85 10.43 -4.18
N GLU A 740 32.76 11.76 -4.15
CA GLU A 740 32.35 12.49 -2.95
C GLU A 740 31.11 13.31 -3.28
N MET A 741 29.96 12.64 -3.28
CA MET A 741 28.66 13.28 -3.43
C MET A 741 27.55 12.28 -3.09
N CYS A 742 26.68 12.65 -2.15
CA CYS A 742 25.55 11.81 -1.78
C CYS A 742 24.29 12.65 -1.87
N VAL A 743 23.30 12.14 -2.60
CA VAL A 743 22.05 12.85 -2.84
C VAL A 743 20.92 12.05 -2.21
N GLU A 744 20.17 12.68 -1.31
CA GLU A 744 19.00 12.07 -0.70
C GLU A 744 17.76 12.66 -1.35
N ARG A 745 17.02 11.83 -2.08
CA ARG A 745 15.83 12.30 -2.79
C ARG A 745 14.64 12.29 -1.85
N LYS A 746 14.05 13.47 -1.64
CA LYS A 746 12.89 13.61 -0.77
C LYS A 746 11.87 14.52 -1.44
N SER A 747 10.61 14.08 -1.48
CA SER A 747 9.54 14.94 -1.91
C SER A 747 9.11 15.84 -0.75
N ILE A 748 8.11 16.68 -0.98
CA ILE A 748 7.66 17.60 0.06
C ILE A 748 7.08 16.81 1.24
N SER A 749 6.19 15.87 0.94
CA SER A 749 5.61 15.03 1.99
C SER A 749 6.68 14.18 2.67
N ASP A 750 7.59 13.60 1.88
CA ASP A 750 8.68 12.82 2.45
C ASP A 750 9.57 13.68 3.33
N LEU A 751 9.86 14.92 2.88
CA LEU A 751 10.68 15.81 3.68
C LEU A 751 10.01 16.16 5.00
N ILE A 752 8.71 16.43 4.97
CA ILE A 752 7.98 16.74 6.20
C ILE A 752 8.00 15.55 7.15
N GLY A 753 7.73 14.36 6.61
CA GLY A 753 7.74 13.16 7.44
C GLY A 753 9.09 12.89 8.06
N SER A 754 10.16 13.05 7.28
CA SER A 754 11.51 12.80 7.81
C SER A 754 11.90 13.85 8.83
N LEU A 755 11.52 15.11 8.61
CA LEU A 755 11.80 16.14 9.60
C LEU A 755 10.98 15.95 10.87
N ASN A 756 9.86 15.25 10.80
CA ASN A 756 9.03 15.05 11.99
C ASN A 756 9.53 13.87 12.83
N ASN A 757 9.80 12.73 12.20
CA ASN A 757 10.18 11.53 12.92
C ASN A 757 11.67 11.42 13.18
N GLY A 758 12.47 12.38 12.74
CA GLY A 758 13.89 12.36 12.99
C GLY A 758 14.71 11.46 12.09
N ARG A 759 14.11 10.93 11.02
CA ARG A 759 14.86 10.06 10.11
C ARG A 759 15.87 10.84 9.27
N LEU A 760 15.57 12.10 8.95
CA LEU A 760 16.48 12.88 8.13
C LEU A 760 17.74 13.26 8.90
N TYR A 761 17.63 13.45 10.21
CA TYR A 761 18.80 13.84 11.00
C TYR A 761 19.87 12.75 10.96
N SER A 762 19.47 11.49 11.14
CA SER A 762 20.43 10.40 11.07
C SER A 762 21.02 10.26 9.67
N GLN A 763 20.18 10.45 8.65
CA GLN A 763 20.68 10.40 7.27
C GLN A 763 21.69 11.51 7.01
N CYS A 764 21.42 12.72 7.50
CA CYS A 764 22.38 13.81 7.35
C CYS A 764 23.67 13.53 8.10
N ILE A 765 23.56 12.94 9.30
CA ILE A 765 24.75 12.59 10.07
C ILE A 765 25.61 11.60 9.29
N SER A 766 24.98 10.54 8.76
CA SER A 766 25.73 9.54 8.00
C SER A 766 26.35 10.15 6.75
N MET A 767 25.59 10.98 6.04
CA MET A 767 26.11 11.60 4.82
C MET A 767 27.30 12.51 5.11
N SER A 768 27.21 13.31 6.18
CA SER A 768 28.31 14.20 6.52
C SER A 768 29.53 13.43 7.01
N ARG A 769 29.31 12.34 7.75
CA ARG A 769 30.43 11.56 8.26
C ARG A 769 31.12 10.73 7.18
N TYR A 770 30.38 10.31 6.14
CA TYR A 770 30.93 9.41 5.15
C TYR A 770 31.20 10.05 3.80
N TYR A 771 30.64 11.23 3.54
CA TYR A 771 30.83 11.91 2.27
C TYR A 771 31.22 13.37 2.51
N LYS A 772 32.09 13.89 1.63
CA LYS A 772 32.55 15.26 1.77
C LYS A 772 31.44 16.26 1.42
N ARG A 773 30.59 15.92 0.45
CA ARG A 773 29.58 16.85 -0.07
C ARG A 773 28.20 16.20 0.02
N PRO A 774 27.59 16.20 1.20
CA PRO A 774 26.22 15.69 1.31
C PRO A 774 25.24 16.65 0.65
N VAL A 775 24.29 16.08 -0.09
CA VAL A 775 23.33 16.86 -0.86
C VAL A 775 21.94 16.34 -0.56
N LEU A 776 21.01 17.26 -0.30
CA LEU A 776 19.60 16.93 -0.11
C LEU A 776 18.81 17.47 -1.30
N LEU A 777 18.08 16.60 -1.98
CA LEU A 777 17.31 16.97 -3.16
C LEU A 777 15.84 17.00 -2.79
N ILE A 778 15.19 18.13 -3.06
CA ILE A 778 13.77 18.33 -2.76
C ILE A 778 13.03 18.50 -4.08
N GLU A 779 11.99 17.70 -4.29
CA GLU A 779 11.18 17.75 -5.48
C GLU A 779 9.80 18.28 -5.12
N PHE A 780 9.51 19.51 -5.51
CA PHE A 780 8.23 20.14 -5.26
C PHE A 780 7.37 20.12 -6.51
N ASP A 781 6.07 20.38 -6.31
CA ASP A 781 5.13 20.44 -7.41
C ASP A 781 4.91 21.89 -7.80
N PRO A 782 5.30 22.32 -9.00
CA PRO A 782 5.13 23.74 -9.35
C PRO A 782 3.70 24.14 -9.64
N SER A 783 2.87 23.20 -10.13
CA SER A 783 1.47 23.52 -10.40
C SER A 783 0.72 23.84 -9.11
N LYS A 784 0.95 23.06 -8.06
CA LYS A 784 0.29 23.24 -6.77
C LYS A 784 1.37 23.29 -5.70
N PRO A 785 2.06 24.42 -5.56
CA PRO A 785 3.15 24.51 -4.58
C PRO A 785 2.62 24.46 -3.15
N PHE A 786 3.46 23.91 -2.27
CA PHE A 786 3.18 23.88 -0.84
C PHE A 786 3.95 25.03 -0.18
N SER A 787 3.26 25.79 0.65
CA SER A 787 3.86 27.00 1.24
C SER A 787 5.01 26.68 2.17
N LEU A 788 5.08 25.47 2.72
CA LEU A 788 6.09 24.98 3.65
C LEU A 788 6.02 25.69 5.01
N THR A 789 5.12 26.65 5.19
CA THR A 789 4.89 27.27 6.47
C THR A 789 3.38 27.36 6.70
N SER A 790 2.99 27.36 7.98
CA SER A 790 1.58 27.33 8.32
C SER A 790 0.92 28.67 8.02
N ARG A 791 -0.20 28.64 7.32
CA ARG A 791 -0.97 29.85 7.09
C ARG A 791 -1.61 30.32 8.39
N GLY A 792 -1.73 31.63 8.53
CA GLY A 792 -2.20 32.21 9.79
C GLY A 792 -1.12 32.31 10.84
N ALA A 793 -0.39 31.22 11.09
CA ALA A 793 0.73 31.27 12.02
C ALA A 793 1.89 32.10 11.47
N LEU A 794 1.97 32.24 10.14
CA LEU A 794 3.05 33.03 9.55
C LEU A 794 2.93 34.51 9.90
N PHE A 795 1.74 34.97 10.29
CA PHE A 795 1.56 36.32 10.81
C PHE A 795 1.85 36.41 12.30
N GLN A 796 1.96 35.28 12.99
CA GLN A 796 2.26 35.23 14.41
C GLN A 796 3.74 34.88 14.62
N GLU A 797 4.11 34.65 15.88
CA GLU A 797 5.48 34.28 16.18
C GLU A 797 5.80 32.88 15.65
N ILE A 798 7.09 32.63 15.45
CA ILE A 798 7.51 31.34 14.91
C ILE A 798 7.19 30.23 15.90
N SER A 799 7.03 29.01 15.36
CA SER A 799 6.73 27.84 16.16
C SER A 799 7.60 26.68 15.72
N SER A 800 7.86 25.76 16.65
CA SER A 800 8.69 24.60 16.37
C SER A 800 8.01 23.59 15.45
N ASN A 801 6.68 23.68 15.28
CA ASN A 801 5.96 22.74 14.43
C ASN A 801 6.06 23.08 12.95
N ASP A 802 6.50 24.29 12.60
CA ASP A 802 6.62 24.65 11.20
C ASP A 802 7.75 23.90 10.53
N ILE A 803 7.50 23.42 9.31
CA ILE A 803 8.51 22.68 8.58
C ILE A 803 9.68 23.57 8.21
N SER A 804 9.42 24.84 7.92
CA SER A 804 10.51 25.77 7.62
C SER A 804 11.45 25.92 8.81
N SER A 805 10.91 25.93 10.03
CA SER A 805 11.75 26.00 11.21
C SER A 805 12.66 24.78 11.34
N LYS A 806 12.10 23.59 11.07
CA LYS A 806 12.91 22.37 11.13
C LYS A 806 13.99 22.37 10.06
N LEU A 807 13.66 22.83 8.86
CA LEU A 807 14.67 22.92 7.80
C LEU A 807 15.75 23.92 8.17
N THR A 808 15.37 25.05 8.77
CA THR A 808 16.34 26.03 9.21
C THR A 808 17.28 25.44 10.26
N LEU A 809 16.73 24.71 11.22
CA LEU A 809 17.57 24.09 12.25
C LEU A 809 18.50 23.03 11.64
N LEU A 810 17.98 22.23 10.71
CA LEU A 810 18.81 21.21 10.07
C LEU A 810 19.95 21.84 9.30
N THR A 811 19.69 22.92 8.57
CA THR A 811 20.75 23.62 7.85
C THR A 811 21.75 24.23 8.82
N LEU A 812 21.27 24.77 9.94
CA LEU A 812 22.16 25.38 10.92
C LEU A 812 23.10 24.33 11.52
N HIS A 813 22.59 23.14 11.81
CA HIS A 813 23.42 22.09 12.40
C HIS A 813 24.20 21.30 11.37
N PHE A 814 23.93 21.49 10.08
CA PHE A 814 24.69 20.85 9.00
C PHE A 814 25.05 21.89 7.96
N PRO A 815 26.00 22.77 8.28
CA PRO A 815 26.35 23.85 7.33
C PRO A 815 26.93 23.36 6.02
N ARG A 816 27.49 22.15 5.99
CA ARG A 816 28.11 21.63 4.77
C ARG A 816 27.13 20.91 3.86
N LEU A 817 25.85 20.85 4.22
CA LEU A 817 24.84 20.17 3.42
C LEU A 817 24.25 21.13 2.41
N ARG A 818 24.27 20.74 1.14
CA ARG A 818 23.69 21.54 0.06
C ARG A 818 22.32 20.99 -0.32
N ILE A 819 21.46 21.88 -0.78
CA ILE A 819 20.08 21.53 -1.12
C ILE A 819 19.82 21.87 -2.58
N LEU A 820 19.26 20.91 -3.31
CA LEU A 820 18.80 21.13 -4.68
C LEU A 820 17.28 21.09 -4.69
N TRP A 821 16.68 22.07 -5.35
CA TRP A 821 15.23 22.14 -5.51
C TRP A 821 14.89 21.86 -6.98
N CYS A 822 13.99 20.90 -7.21
CA CYS A 822 13.61 20.53 -8.56
C CYS A 822 12.09 20.46 -8.65
N PRO A 823 11.51 20.84 -9.79
CA PRO A 823 10.06 20.79 -9.96
C PRO A 823 9.52 19.53 -10.61
N SER A 824 10.38 18.66 -11.14
CA SER A 824 9.93 17.46 -11.83
C SER A 824 11.10 16.49 -11.89
N PRO A 825 10.81 15.18 -12.01
CA PRO A 825 11.91 14.22 -12.23
C PRO A 825 12.70 14.48 -13.50
N HIS A 826 12.06 15.02 -14.54
CA HIS A 826 12.78 15.34 -15.77
C HIS A 826 13.84 16.40 -15.53
N ALA A 827 13.53 17.41 -14.72
CA ALA A 827 14.51 18.44 -14.40
C ALA A 827 15.63 17.90 -13.53
N THR A 828 15.33 16.93 -12.66
CA THR A 828 16.35 16.36 -11.80
C THR A 828 17.44 15.66 -12.60
N ALA A 829 17.05 14.97 -13.68
CA ALA A 829 18.04 14.25 -14.49
C ALA A 829 19.03 15.22 -15.13
N GLU A 830 18.54 16.34 -15.67
CA GLU A 830 19.44 17.33 -16.26
C GLU A 830 20.37 17.92 -15.21
N LEU A 831 19.85 18.20 -14.02
CA LEU A 831 20.69 18.71 -12.94
C LEU A 831 21.77 17.70 -12.56
N PHE A 832 21.40 16.43 -12.47
CA PHE A 832 22.38 15.39 -12.16
C PHE A 832 23.45 15.30 -13.24
N GLU A 833 23.04 15.38 -14.51
CA GLU A 833 24.00 15.30 -15.61
C GLU A 833 24.95 16.49 -15.59
N GLU A 834 24.43 17.69 -15.32
CA GLU A 834 25.26 18.89 -15.30
C GLU A 834 26.06 19.04 -14.02
N LEU A 835 25.75 18.28 -12.98
CA LEU A 835 26.52 18.32 -11.74
C LEU A 835 27.82 17.53 -11.82
N LYS A 836 27.98 16.69 -12.84
CA LYS A 836 29.20 15.90 -13.04
C LYS A 836 29.68 16.14 -14.47
N GLN A 837 30.46 17.20 -14.65
CA GLN A 837 31.04 17.54 -15.94
C GLN A 837 32.52 17.23 -16.02
N SER A 838 33.26 17.39 -14.93
CA SER A 838 34.67 17.04 -14.88
C SER A 838 35.05 16.23 -13.66
N LYS A 839 34.13 16.00 -12.73
CA LYS A 839 34.44 15.25 -11.51
C LYS A 839 34.67 13.78 -11.85
N PRO A 840 35.38 13.05 -11.00
CA PRO A 840 35.61 11.62 -11.25
C PRO A 840 34.34 10.80 -11.15
N GLN A 841 34.45 9.49 -11.36
CA GLN A 841 33.27 8.65 -11.41
C GLN A 841 33.19 7.74 -10.20
N PRO A 842 31.99 7.49 -9.69
CA PRO A 842 31.82 6.54 -8.59
C PRO A 842 31.84 5.10 -9.10
N ASP A 843 31.78 4.17 -8.15
CA ASP A 843 31.77 2.76 -8.49
C ASP A 843 31.10 1.98 -7.36
N ALA A 844 30.67 0.76 -7.69
CA ALA A 844 30.13 -0.14 -6.70
C ALA A 844 31.26 -0.77 -5.89
N ALA A 845 30.89 -1.49 -4.83
CA ALA A 845 31.78 -2.13 -3.87
C ALA A 845 32.55 -1.13 -3.03
N THR A 846 32.41 0.17 -3.30
CA THR A 846 32.93 1.23 -2.46
C THR A 846 31.83 1.93 -1.68
N ALA A 847 30.75 2.30 -2.37
CA ALA A 847 29.57 2.83 -1.69
C ALA A 847 28.90 1.76 -0.83
N LEU A 848 29.02 0.49 -1.23
CA LEU A 848 28.53 -0.59 -0.38
C LEU A 848 29.33 -0.67 0.92
N ALA A 849 30.66 -0.53 0.84
CA ALA A 849 31.50 -0.55 2.02
C ALA A 849 31.37 0.72 2.86
N ILE A 850 30.69 1.74 2.35
CA ILE A 850 30.52 2.97 3.12
C ILE A 850 29.73 2.69 4.39
N THR A 851 28.63 1.96 4.26
CA THR A 851 27.71 1.59 5.35
C THR A 851 27.63 2.60 6.49
N GLU A 859 23.23 -14.25 14.40
CA GLU A 859 23.60 -13.21 13.46
C GLU A 859 22.50 -12.98 12.43
N SER A 860 22.89 -12.64 11.20
CA SER A 860 21.92 -12.37 10.16
C SER A 860 21.13 -13.63 9.79
N GLU A 861 21.83 -14.75 9.61
CA GLU A 861 21.20 -16.00 9.23
C GLU A 861 20.88 -16.89 10.42
N LYS A 862 21.16 -16.45 11.65
CA LYS A 862 20.89 -17.23 12.84
C LYS A 862 19.70 -16.69 13.63
N TYR A 863 19.10 -15.58 13.22
CA TYR A 863 17.96 -14.99 13.91
C TYR A 863 16.83 -14.75 12.93
N ASN A 864 15.61 -15.06 13.36
CA ASN A 864 14.43 -14.79 12.55
C ASN A 864 14.11 -13.30 12.60
N PRO A 865 14.00 -12.63 11.45
CA PRO A 865 13.76 -11.17 11.47
C PRO A 865 12.41 -10.77 12.06
N GLY A 866 11.46 -11.69 12.14
CA GLY A 866 10.15 -11.38 12.65
C GLY A 866 10.15 -10.99 14.12
N PRO A 867 10.44 -11.95 15.00
CA PRO A 867 10.50 -11.64 16.44
C PRO A 867 11.66 -10.75 16.84
N GLN A 868 12.63 -10.51 15.95
CA GLN A 868 13.78 -9.70 16.30
C GLN A 868 13.38 -8.28 16.64
N ASP A 869 12.57 -7.65 15.79
CA ASP A 869 12.16 -6.27 16.03
C ASP A 869 11.31 -6.16 17.29
N PHE A 870 10.38 -7.11 17.48
CA PHE A 870 9.53 -7.09 18.67
C PHE A 870 10.35 -7.25 19.94
N LEU A 871 11.34 -8.16 19.92
CA LEU A 871 12.22 -8.31 21.08
C LEU A 871 13.03 -7.05 21.32
N LEU A 872 13.55 -6.44 20.26
CA LEU A 872 14.40 -5.26 20.42
C LEU A 872 13.61 -4.08 21.00
N LYS A 873 12.39 -3.88 20.51
CA LYS A 873 11.60 -2.74 20.97
C LYS A 873 11.07 -2.93 22.39
N MET A 874 11.10 -4.14 22.92
CA MET A 874 10.57 -4.38 24.26
C MET A 874 11.46 -3.71 25.31
N PRO A 875 10.87 -3.04 26.29
CA PRO A 875 11.67 -2.38 27.33
C PRO A 875 12.46 -3.39 28.14
N GLY A 876 13.60 -2.93 28.65
CA GLY A 876 14.46 -3.76 29.48
C GLY A 876 15.46 -4.60 28.74
N VAL A 877 15.61 -4.41 27.43
CA VAL A 877 16.59 -5.16 26.63
C VAL A 877 17.43 -4.18 25.83
N ASN A 878 18.56 -4.67 25.34
CA ASN A 878 19.47 -3.89 24.52
C ASN A 878 20.29 -4.86 23.68
N ALA A 879 21.18 -4.30 22.85
CA ALA A 879 22.04 -5.14 22.02
C ALA A 879 22.95 -6.02 22.88
N LYS A 880 23.32 -5.55 24.07
CA LYS A 880 24.15 -6.35 24.96
C LYS A 880 23.39 -7.52 25.55
N ASN A 881 22.08 -7.37 25.73
CA ASN A 881 21.27 -8.40 26.39
C ASN A 881 20.44 -9.23 25.42
N CYS A 882 20.16 -8.73 24.22
CA CYS A 882 19.28 -9.44 23.30
C CYS A 882 19.87 -10.78 22.89
N ARG A 883 21.18 -10.81 22.61
CA ARG A 883 21.82 -12.05 22.16
C ARG A 883 21.71 -13.13 23.23
N SER A 884 21.90 -12.76 24.49
CA SER A 884 21.76 -13.73 25.58
C SER A 884 20.30 -14.12 25.78
N LEU A 885 19.38 -13.15 25.62
CA LEU A 885 17.98 -13.42 25.93
C LEU A 885 17.35 -14.36 24.91
N MET A 886 17.56 -14.11 23.61
CA MET A 886 16.92 -14.94 22.59
C MET A 886 17.54 -16.32 22.51
N HIS A 887 18.82 -16.46 22.87
CA HIS A 887 19.41 -17.79 22.92
C HIS A 887 18.91 -18.59 24.11
N HIS A 888 18.57 -17.92 25.22
CA HIS A 888 18.15 -18.63 26.42
C HIS A 888 16.76 -19.21 26.27
N VAL A 889 15.85 -18.47 25.63
CA VAL A 889 14.46 -18.89 25.52
C VAL A 889 14.19 -19.38 24.09
N LYS A 890 13.03 -19.99 23.90
CA LYS A 890 12.63 -20.52 22.60
C LYS A 890 11.57 -19.68 21.91
N ASN A 891 10.75 -18.96 22.66
CA ASN A 891 9.64 -18.20 22.08
C ASN A 891 9.38 -16.97 22.92
N ILE A 892 8.74 -15.98 22.29
CA ILE A 892 8.32 -14.78 23.02
C ILE A 892 7.23 -15.14 24.02
N ALA A 893 6.35 -16.08 23.66
CA ALA A 893 5.30 -16.51 24.58
C ALA A 893 5.89 -17.13 25.84
N GLU A 894 6.94 -17.93 25.70
CA GLU A 894 7.61 -18.49 26.87
C GLU A 894 8.31 -17.41 27.68
N LEU A 895 8.70 -16.31 27.05
CA LEU A 895 9.32 -15.21 27.78
C LEU A 895 8.34 -14.61 28.79
N ALA A 896 7.06 -14.50 28.41
CA ALA A 896 6.05 -13.99 29.34
C ALA A 896 5.83 -14.94 30.51
N ALA A 897 6.01 -16.25 30.29
CA ALA A 897 5.80 -17.22 31.35
C ALA A 897 6.94 -17.24 32.37
N LEU A 898 8.08 -16.64 32.05
CA LEU A 898 9.19 -16.58 32.99
C LEU A 898 8.84 -15.71 34.19
N SER A 899 9.32 -16.11 35.37
CA SER A 899 9.10 -15.34 36.57
C SER A 899 10.13 -14.21 36.68
N GLN A 900 9.95 -13.36 37.69
CA GLN A 900 10.83 -12.22 37.87
C GLN A 900 12.25 -12.66 38.24
N ASP A 901 12.37 -13.69 39.09
CA ASP A 901 13.69 -14.15 39.50
C ASP A 901 14.47 -14.70 38.31
N GLU A 902 13.81 -15.45 37.43
CA GLU A 902 14.47 -15.97 36.24
C GLU A 902 14.93 -14.83 35.34
N LEU A 903 14.09 -13.81 35.17
CA LEU A 903 14.47 -12.67 34.34
C LEU A 903 15.68 -11.94 34.94
N THR A 904 15.70 -11.77 36.25
CA THR A 904 16.84 -11.13 36.89
C THR A 904 18.10 -11.97 36.73
N SER A 905 17.97 -13.29 36.82
CA SER A 905 19.14 -14.16 36.69
C SER A 905 19.71 -14.11 35.29
N ILE A 906 18.86 -14.27 34.27
CA ILE A 906 19.36 -14.31 32.89
C ILE A 906 19.84 -12.92 32.46
N LEU A 907 19.04 -11.89 32.73
CA LEU A 907 19.43 -10.54 32.30
C LEU A 907 20.60 -10.01 33.10
N GLY A 908 20.70 -10.37 34.38
CA GLY A 908 21.79 -9.94 35.22
C GLY A 908 21.66 -8.55 35.80
N ASN A 909 20.57 -7.84 35.50
CA ASN A 909 20.34 -6.50 35.99
C ASN A 909 18.95 -6.48 36.61
N ALA A 910 18.85 -5.94 37.83
CA ALA A 910 17.55 -5.87 38.49
C ALA A 910 16.63 -4.88 37.82
N ALA A 911 17.16 -3.74 37.36
CA ALA A 911 16.32 -2.68 36.82
C ALA A 911 15.66 -3.11 35.51
N ASN A 912 16.44 -3.63 34.56
CA ASN A 912 15.88 -3.95 33.25
C ASN A 912 14.99 -5.18 33.29
N ALA A 913 15.33 -6.18 34.13
CA ALA A 913 14.46 -7.34 34.27
C ALA A 913 13.13 -6.95 34.88
N LYS A 914 13.15 -6.09 35.90
CA LYS A 914 11.92 -5.58 36.49
C LYS A 914 11.12 -4.78 35.47
N GLN A 915 11.80 -3.98 34.65
CA GLN A 915 11.13 -3.21 33.61
C GLN A 915 10.43 -4.12 32.62
N LEU A 916 11.11 -5.18 32.18
CA LEU A 916 10.50 -6.11 31.22
C LEU A 916 9.32 -6.85 31.85
N TYR A 917 9.47 -7.31 33.09
CA TYR A 917 8.39 -8.03 33.75
C TYR A 917 7.17 -7.13 33.94
N ASP A 918 7.40 -5.87 34.33
CA ASP A 918 6.29 -4.93 34.47
C ASP A 918 5.65 -4.63 33.12
N PHE A 919 6.46 -4.52 32.06
CA PHE A 919 5.90 -4.27 30.74
C PHE A 919 5.01 -5.42 30.29
N ILE A 920 5.45 -6.66 30.51
CA ILE A 920 4.64 -7.80 30.10
C ILE A 920 3.45 -7.98 31.04
N HIS A 921 3.70 -7.91 32.35
CA HIS A 921 2.66 -8.15 33.35
C HIS A 921 2.14 -6.82 33.88
N THR A 922 1.31 -6.16 33.06
CA THR A 922 0.57 -4.99 33.51
C THR A 922 -0.61 -4.77 32.59
N SER A 923 -1.73 -4.32 33.16
CA SER A 923 -2.94 -4.11 32.41
C SER A 923 -3.01 -2.66 31.89
N PHE A 924 -3.91 -2.44 30.93
CA PHE A 924 -4.11 -1.11 30.38
C PHE A 924 -5.15 -0.32 31.16
N ALA A 925 -6.16 -0.99 31.72
CA ALA A 925 -7.16 -0.29 32.51
C ALA A 925 -6.55 0.33 33.76
N GLU A 926 -5.62 -0.37 34.40
CA GLU A 926 -4.93 0.19 35.56
C GLU A 926 -4.13 1.43 35.19
N VAL A 927 -3.51 1.42 34.01
CA VAL A 927 -2.76 2.59 33.55
C VAL A 927 -3.70 3.77 33.33
N VAL A 928 -4.90 3.50 32.81
CA VAL A 928 -5.90 4.56 32.63
C VAL A 928 -6.26 5.18 33.98
N SER A 929 -6.49 4.34 34.98
CA SER A 929 -6.85 4.81 36.30
C SER A 929 -5.61 5.32 37.04
N SER B 98 24.33 41.07 20.74
CA SER B 98 23.51 41.72 19.72
C SER B 98 22.43 40.77 19.21
N ASN B 99 21.22 40.91 19.76
CA ASN B 99 20.09 40.07 19.36
C ASN B 99 19.26 40.78 18.29
N SER B 100 19.93 41.14 17.20
CA SER B 100 19.28 41.82 16.10
C SER B 100 19.96 41.45 14.79
N ILE B 101 19.23 41.62 13.70
CA ILE B 101 19.73 41.28 12.37
C ILE B 101 20.35 42.52 11.74
N ILE B 102 21.59 42.39 11.27
CA ILE B 102 22.28 43.47 10.58
C ILE B 102 21.92 43.38 9.10
N VAL B 103 21.33 44.44 8.58
CA VAL B 103 20.86 44.49 7.19
C VAL B 103 21.78 45.41 6.40
N SER B 104 22.22 44.95 5.24
CA SER B 104 23.08 45.77 4.40
C SER B 104 22.32 46.99 3.90
N PRO B 105 22.99 48.15 3.78
CA PRO B 105 22.29 49.36 3.33
C PRO B 105 21.72 49.26 1.92
N ARG B 106 22.23 48.35 1.09
CA ARG B 106 21.77 48.24 -0.29
C ARG B 106 20.37 47.67 -0.41
N GLN B 107 19.79 47.17 0.69
CA GLN B 107 18.45 46.60 0.67
C GLN B 107 17.42 47.53 1.31
N ARG B 108 17.60 48.84 1.12
CA ARG B 108 16.67 49.80 1.72
C ARG B 108 15.27 49.66 1.16
N GLY B 109 15.15 49.52 -0.16
CA GLY B 109 13.85 49.42 -0.80
C GLY B 109 13.38 47.99 -1.00
N ASN B 110 13.54 47.16 0.03
CA ASN B 110 13.15 45.76 -0.09
C ASN B 110 11.75 45.54 0.48
N PRO B 111 10.98 44.60 -0.07
CA PRO B 111 9.67 44.26 0.50
C PRO B 111 9.67 43.11 1.48
N VAL B 112 10.81 42.46 1.70
CA VAL B 112 10.86 41.30 2.60
C VAL B 112 11.20 41.72 4.02
N LEU B 113 12.13 42.67 4.19
CA LEU B 113 12.54 43.08 5.52
C LEU B 113 11.45 43.81 6.29
N LYS B 114 10.36 44.18 5.63
CA LYS B 114 9.18 44.68 6.32
C LYS B 114 8.32 43.56 6.89
N PHE B 115 8.61 42.31 6.51
CA PHE B 115 7.81 41.16 6.92
C PHE B 115 8.44 40.39 8.08
N VAL B 116 9.47 40.93 8.71
CA VAL B 116 10.04 40.33 9.92
C VAL B 116 9.51 41.12 11.12
N ARG B 117 8.87 40.41 12.04
CA ARG B 117 8.19 41.06 13.15
C ARG B 117 8.61 40.47 14.49
N ASN B 118 9.04 39.20 14.49
CA ASN B 118 9.37 38.51 15.72
C ASN B 118 10.79 38.77 16.20
N VAL B 119 11.64 39.39 15.37
CA VAL B 119 13.00 39.71 15.79
C VAL B 119 13.32 41.15 15.35
N PRO B 120 14.09 41.90 16.13
CA PRO B 120 14.48 43.24 15.71
C PRO B 120 15.65 43.21 14.73
N TRP B 121 15.80 44.32 14.02
CA TRP B 121 16.85 44.42 13.02
C TRP B 121 17.24 45.89 12.84
N GLU B 122 18.45 46.09 12.32
CA GLU B 122 18.96 47.42 12.06
C GLU B 122 19.97 47.33 10.91
N PHE B 123 20.29 48.48 10.33
CA PHE B 123 21.20 48.53 9.20
C PHE B 123 22.65 48.58 9.67
N GLY B 124 23.54 48.18 8.76
CA GLY B 124 24.96 48.16 9.04
C GLY B 124 25.79 47.76 7.84
N ASP B 125 26.99 48.30 7.72
CA ASP B 125 27.84 48.06 6.55
C ASP B 125 28.45 46.67 6.65
N VAL B 126 27.84 45.71 5.96
CA VAL B 126 28.34 44.33 5.92
C VAL B 126 28.35 43.87 4.48
N ILE B 127 29.24 42.92 4.18
CA ILE B 127 29.32 42.37 2.83
C ILE B 127 28.02 41.66 2.42
N PRO B 128 27.48 40.74 3.20
CA PRO B 128 26.22 40.08 2.80
C PRO B 128 25.01 40.99 3.06
N ASP B 129 23.89 40.61 2.44
CA ASP B 129 22.66 41.39 2.62
C ASP B 129 22.18 41.34 4.06
N TYR B 130 22.25 40.16 4.68
CA TYR B 130 21.81 39.98 6.06
C TYR B 130 22.89 39.24 6.85
N VAL B 131 23.02 39.59 8.11
CA VAL B 131 23.94 38.93 9.04
C VAL B 131 23.09 38.36 10.17
N LEU B 132 22.85 37.05 10.13
CA LEU B 132 22.03 36.38 11.14
C LEU B 132 22.92 35.79 12.24
N GLY B 133 23.67 36.68 12.88
CA GLY B 133 24.59 36.28 13.92
C GLY B 133 25.95 35.88 13.37
N GLN B 134 26.80 35.42 14.28
CA GLN B 134 28.14 34.99 13.88
C GLN B 134 28.07 33.69 13.09
N SER B 135 28.97 33.58 12.11
CA SER B 135 29.09 32.38 11.27
C SER B 135 27.79 32.06 10.54
N THR B 136 27.00 33.09 10.24
CA THR B 136 25.75 32.90 9.50
C THR B 136 25.40 34.20 8.79
N CYS B 137 25.29 34.14 7.47
CA CYS B 137 24.94 35.29 6.66
C CYS B 137 23.87 34.87 5.65
N ALA B 138 23.35 35.84 4.91
CA ALA B 138 22.30 35.57 3.94
C ALA B 138 22.42 36.54 2.78
N LEU B 139 22.02 36.06 1.60
CA LEU B 139 21.93 36.87 0.39
C LEU B 139 20.56 36.66 -0.23
N PHE B 140 19.86 37.74 -0.51
CA PHE B 140 18.51 37.69 -1.05
C PHE B 140 18.55 37.83 -2.56
N LEU B 141 17.84 36.93 -3.26
CA LEU B 141 17.74 36.98 -4.71
C LEU B 141 16.29 36.76 -5.11
N SER B 142 15.91 37.35 -6.23
CA SER B 142 14.61 37.12 -6.84
C SER B 142 14.84 36.65 -8.28
N LEU B 143 14.07 35.64 -8.69
CA LEU B 143 14.28 35.07 -10.02
C LEU B 143 14.00 36.10 -11.11
N ARG B 144 13.11 37.05 -10.85
CA ARG B 144 12.92 38.16 -11.78
C ARG B 144 14.22 38.93 -11.96
N TYR B 145 14.77 39.45 -10.85
CA TYR B 145 16.05 40.12 -10.90
C TYR B 145 17.16 39.20 -11.38
N HIS B 146 16.96 37.87 -11.29
CA HIS B 146 17.96 36.95 -11.80
C HIS B 146 17.97 36.90 -13.33
N ASN B 147 16.79 36.86 -13.95
CA ASN B 147 16.74 36.76 -15.41
C ASN B 147 16.75 38.13 -16.10
N LEU B 148 16.66 39.23 -15.35
CA LEU B 148 17.04 40.52 -15.91
C LEU B 148 18.46 40.94 -15.56
N HIS B 149 19.08 40.37 -14.52
CA HIS B 149 20.48 40.63 -14.17
C HIS B 149 21.19 39.29 -14.01
N PRO B 150 21.58 38.66 -15.12
CA PRO B 150 22.15 37.31 -15.04
C PRO B 150 23.42 37.20 -14.22
N ASP B 151 24.28 38.21 -14.26
CA ASP B 151 25.60 38.14 -13.65
C ASP B 151 25.68 38.84 -12.29
N TYR B 152 24.56 39.33 -11.77
CA TYR B 152 24.60 40.06 -10.51
C TYR B 152 24.91 39.14 -9.34
N ILE B 153 24.26 37.97 -9.29
CA ILE B 153 24.41 37.07 -8.15
C ILE B 153 25.81 36.48 -8.11
N HIS B 154 26.40 36.18 -9.28
CA HIS B 154 27.71 35.56 -9.31
C HIS B 154 28.77 36.46 -8.69
N GLY B 155 28.72 37.76 -8.99
CA GLY B 155 29.68 38.68 -8.41
C GLY B 155 29.55 38.77 -6.90
N ARG B 156 28.31 38.84 -6.41
CA ARG B 156 28.09 38.89 -4.96
C ARG B 156 28.59 37.63 -4.28
N LEU B 157 28.33 36.46 -4.87
CA LEU B 157 28.77 35.22 -4.27
C LEU B 157 30.29 35.08 -4.30
N GLN B 158 30.94 35.61 -5.35
CA GLN B 158 32.40 35.56 -5.41
C GLN B 158 33.02 36.53 -4.41
N SER B 159 32.41 37.70 -4.24
CA SER B 159 32.95 38.71 -3.33
C SER B 159 32.58 38.45 -1.86
N LEU B 160 31.63 37.55 -1.60
CA LEU B 160 31.23 37.30 -0.22
C LEU B 160 32.36 36.67 0.59
N GLY B 161 33.11 35.77 -0.01
CA GLY B 161 34.26 35.17 0.65
C GLY B 161 33.90 34.01 1.55
N LYS B 162 34.91 33.54 2.27
CA LYS B 162 34.77 32.40 3.18
C LYS B 162 34.76 32.83 4.64
N ASN B 163 34.24 34.02 4.92
CA ASN B 163 34.25 34.54 6.29
C ASN B 163 33.23 33.82 7.16
N PHE B 164 32.05 33.54 6.63
CA PHE B 164 30.97 32.94 7.39
C PHE B 164 30.94 31.43 7.17
N ALA B 165 30.72 30.68 8.24
CA ALA B 165 30.66 29.23 8.14
C ALA B 165 29.42 28.78 7.39
N LEU B 166 28.26 29.34 7.72
CA LEU B 166 27.00 29.01 7.08
C LEU B 166 26.54 30.20 6.26
N ARG B 167 26.51 30.05 4.94
CA ARG B 167 26.09 31.09 4.03
C ARG B 167 24.85 30.59 3.28
N VAL B 168 23.75 31.31 3.41
CA VAL B 168 22.47 30.90 2.85
C VAL B 168 22.10 31.87 1.72
N LEU B 169 21.83 31.32 0.54
CA LEU B 169 21.30 32.10 -0.58
C LEU B 169 19.82 31.75 -0.70
N LEU B 170 18.97 32.61 -0.16
CA LEU B 170 17.53 32.41 -0.18
C LEU B 170 16.94 33.20 -1.35
N VAL B 171 16.08 32.56 -2.12
CA VAL B 171 15.53 33.15 -3.33
C VAL B 171 14.00 33.18 -3.23
N GLN B 172 13.41 34.08 -4.01
CA GLN B 172 11.97 34.23 -4.09
C GLN B 172 11.50 33.73 -5.45
N VAL B 173 10.71 32.66 -5.45
CA VAL B 173 10.23 32.03 -6.69
C VAL B 173 8.95 32.77 -7.07
N ASP B 174 9.11 33.85 -7.84
CA ASP B 174 7.97 34.64 -8.29
C ASP B 174 7.60 34.39 -9.75
N VAL B 175 8.54 33.91 -10.56
CA VAL B 175 8.26 33.64 -11.97
C VAL B 175 7.41 32.39 -12.10
N LYS B 176 6.84 32.19 -13.28
CA LYS B 176 5.97 31.04 -13.52
C LYS B 176 6.72 29.81 -14.03
N ASP B 177 7.91 29.98 -14.59
CA ASP B 177 8.73 28.88 -15.10
C ASP B 177 10.12 28.99 -14.50
N PRO B 178 10.32 28.52 -13.27
CA PRO B 178 11.62 28.61 -12.61
C PRO B 178 12.55 27.44 -12.84
N GLN B 179 12.24 26.53 -13.76
CA GLN B 179 13.02 25.31 -13.91
C GLN B 179 14.46 25.60 -14.34
N GLN B 180 14.63 26.51 -15.30
CA GLN B 180 15.97 26.77 -15.83
C GLN B 180 16.83 27.56 -14.85
N ALA B 181 16.23 28.57 -14.20
CA ALA B 181 17.00 29.38 -13.26
C ALA B 181 17.43 28.57 -12.04
N LEU B 182 16.57 27.67 -11.58
CA LEU B 182 16.88 26.88 -10.40
C LEU B 182 18.08 25.98 -10.63
N LYS B 183 18.20 25.41 -11.84
CA LYS B 183 19.33 24.54 -12.14
C LYS B 183 20.66 25.29 -12.05
N GLU B 184 20.74 26.44 -12.72
CA GLU B 184 21.96 27.24 -12.68
C GLU B 184 22.24 27.73 -11.27
N LEU B 185 21.20 28.14 -10.54
CA LEU B 185 21.39 28.62 -9.18
C LEU B 185 21.91 27.51 -8.27
N ALA B 186 21.39 26.30 -8.42
CA ALA B 186 21.86 25.17 -7.61
C ALA B 186 23.30 24.82 -7.95
N LYS B 187 23.65 24.82 -9.23
CA LYS B 187 25.03 24.56 -9.61
C LYS B 187 25.97 25.62 -9.03
N MET B 188 25.56 26.89 -9.09
CA MET B 188 26.36 27.97 -8.52
C MET B 188 26.50 27.82 -7.02
N CYS B 189 25.42 27.42 -6.33
CA CYS B 189 25.48 27.22 -4.89
C CYS B 189 26.43 26.08 -4.54
N ILE B 190 26.40 24.99 -5.32
CA ILE B 190 27.31 23.88 -5.09
C ILE B 190 28.76 24.33 -5.29
N LEU B 191 29.01 25.11 -6.33
CA LEU B 191 30.37 25.57 -6.61
C LEU B 191 30.87 26.55 -5.57
N ALA B 192 30.00 27.42 -5.06
CA ALA B 192 30.39 28.50 -4.17
C ALA B 192 30.24 28.14 -2.69
N ASP B 193 29.82 26.92 -2.38
CA ASP B 193 29.68 26.44 -0.99
C ASP B 193 28.72 27.34 -0.19
N CYS B 194 27.47 27.36 -0.64
CA CYS B 194 26.42 28.10 0.06
C CYS B 194 25.12 27.31 -0.04
N THR B 195 24.22 27.56 0.92
CA THR B 195 22.97 26.82 1.02
C THR B 195 21.86 27.56 0.29
N LEU B 196 21.09 26.82 -0.50
CA LEU B 196 19.99 27.38 -1.29
C LEU B 196 18.66 27.08 -0.59
N ILE B 197 17.91 28.13 -0.29
CA ILE B 197 16.59 28.02 0.33
C ILE B 197 15.58 28.74 -0.54
N LEU B 198 14.45 28.09 -0.81
CA LEU B 198 13.43 28.62 -1.71
C LEU B 198 12.23 29.10 -0.90
N ALA B 199 11.84 30.35 -1.13
CA ALA B 199 10.63 30.92 -0.56
C ALA B 199 9.72 31.40 -1.69
N TRP B 200 8.44 31.09 -1.59
CA TRP B 200 7.48 31.40 -2.65
C TRP B 200 6.73 32.70 -2.42
N SER B 201 7.04 33.44 -1.35
CA SER B 201 6.37 34.70 -1.07
C SER B 201 7.26 35.49 -0.13
N PRO B 202 7.10 36.82 -0.10
CA PRO B 202 7.86 37.62 0.89
C PRO B 202 7.54 37.25 2.32
N GLU B 203 6.37 36.69 2.59
CA GLU B 203 6.04 36.24 3.94
C GLU B 203 6.96 35.12 4.39
N GLU B 204 7.28 34.19 3.48
CA GLU B 204 8.11 33.04 3.83
C GLU B 204 9.58 33.44 4.01
N ALA B 205 10.06 34.38 3.20
CA ALA B 205 11.44 34.84 3.34
C ALA B 205 11.67 35.51 4.70
N GLY B 206 10.72 36.34 5.13
CA GLY B 206 10.83 36.96 6.43
C GLY B 206 10.80 35.93 7.56
N ARG B 207 9.95 34.92 7.44
CA ARG B 207 9.91 33.86 8.44
C ARG B 207 11.23 33.09 8.47
N TYR B 208 11.82 32.85 7.31
CA TYR B 208 13.12 32.18 7.27
C TYR B 208 14.19 33.03 7.94
N LEU B 209 14.19 34.34 7.69
CA LEU B 209 15.15 35.22 8.34
C LEU B 209 14.97 35.20 9.87
N GLU B 210 13.72 35.28 10.32
CA GLU B 210 13.45 35.24 11.76
C GLU B 210 13.95 33.93 12.36
N THR B 211 13.64 32.81 11.71
CA THR B 211 14.03 31.51 12.25
C THR B 211 15.55 31.35 12.28
N TYR B 212 16.24 31.84 11.25
CA TYR B 212 17.69 31.77 11.24
C TYR B 212 18.27 32.63 12.37
N LYS B 213 17.69 33.80 12.61
CA LYS B 213 18.16 34.62 13.73
C LYS B 213 17.78 34.02 15.07
N ALA B 214 16.55 33.50 15.19
CA ALA B 214 16.06 33.02 16.48
C ALA B 214 16.71 31.70 16.90
N TYR B 215 17.24 30.93 15.97
CA TYR B 215 17.82 29.62 16.26
C TYR B 215 19.34 29.68 16.35
N GLU B 216 19.87 30.80 16.86
CA GLU B 216 21.32 30.98 16.95
C GLU B 216 21.95 29.97 17.91
N GLN B 217 21.28 29.68 19.02
CA GLN B 217 21.82 28.76 20.03
C GLN B 217 20.90 27.56 20.29
N LYS B 218 19.86 27.37 19.48
CA LYS B 218 18.92 26.28 19.71
C LYS B 218 19.60 24.94 19.44
N PRO B 219 19.45 23.96 20.34
CA PRO B 219 20.04 22.64 20.08
C PRO B 219 19.30 21.86 19.01
N ALA B 220 19.73 20.62 18.76
CA ALA B 220 19.14 19.78 17.72
C ALA B 220 18.15 18.77 18.30
N ASP B 221 17.73 18.94 19.55
CA ASP B 221 16.79 18.00 20.16
C ASP B 221 15.44 18.00 19.45
N LEU B 222 15.09 19.10 18.78
CA LEU B 222 13.83 19.15 18.04
C LEU B 222 13.85 18.16 16.88
N LEU B 223 14.99 18.03 16.21
CA LEU B 223 15.06 17.18 15.03
C LEU B 223 15.04 15.70 15.41
N MET B 224 15.71 15.33 16.50
CA MET B 224 15.88 13.92 16.84
C MET B 224 14.55 13.29 17.25
N GLU B 225 14.54 11.96 17.19
CA GLU B 225 13.32 11.21 17.50
C GLU B 225 12.96 11.33 18.98
N LYS B 226 11.67 11.36 19.28
CA LYS B 226 11.20 11.56 20.64
C LYS B 226 11.29 10.27 21.44
N LEU B 227 10.67 9.20 20.95
CA LEU B 227 10.67 7.88 21.60
C LEU B 227 10.09 7.98 23.02
N GLU B 228 8.79 8.28 23.05
CA GLU B 228 8.09 8.46 24.31
C GLU B 228 8.20 7.21 25.18
N GLN B 229 8.44 7.43 26.48
CA GLN B 229 8.66 6.35 27.42
C GLN B 229 7.40 5.86 28.10
N ASP B 230 6.23 6.40 27.73
CA ASP B 230 4.98 5.94 28.31
C ASP B 230 4.71 4.50 27.90
N PHE B 231 4.08 3.75 28.81
CA PHE B 231 3.84 2.32 28.57
C PHE B 231 2.98 2.11 27.33
N VAL B 232 1.93 2.92 27.15
CA VAL B 232 1.10 2.81 25.97
C VAL B 232 1.91 3.09 24.70
N SER B 233 2.76 4.11 24.74
CA SER B 233 3.60 4.43 23.59
C SER B 233 4.58 3.29 23.31
N ARG B 234 5.18 2.72 24.35
CA ARG B 234 6.13 1.63 24.15
C ARG B 234 5.47 0.40 23.57
N VAL B 235 4.30 0.02 24.07
CA VAL B 235 3.62 -1.15 23.53
C VAL B 235 3.12 -0.88 22.11
N THR B 236 2.71 0.35 21.82
CA THR B 236 2.34 0.70 20.45
C THR B 236 3.53 0.58 19.51
N GLU B 237 4.70 1.04 19.95
CA GLU B 237 5.90 0.91 19.13
C GLU B 237 6.27 -0.56 18.93
N CYS B 238 6.11 -1.39 19.97
CA CYS B 238 6.39 -2.81 19.85
C CYS B 238 5.46 -3.48 18.84
N LEU B 239 4.16 -3.14 18.89
CA LEU B 239 3.20 -3.73 17.97
C LEU B 239 3.30 -3.17 16.56
N THR B 240 3.85 -1.97 16.39
CA THR B 240 3.94 -1.34 15.08
C THR B 240 4.98 -2.02 14.18
N THR B 241 5.96 -2.71 14.77
CA THR B 241 7.03 -3.31 13.98
C THR B 241 6.51 -4.33 12.97
N VAL B 242 5.31 -4.87 13.18
CA VAL B 242 4.73 -5.78 12.19
C VAL B 242 4.42 -5.03 10.91
N LYS B 243 4.27 -5.78 9.82
CA LYS B 243 4.20 -5.18 8.49
C LYS B 243 2.97 -4.27 8.34
N SER B 244 1.81 -4.72 8.82
CA SER B 244 0.56 -4.01 8.57
C SER B 244 -0.07 -3.40 9.81
N VAL B 245 0.43 -3.71 11.01
CA VAL B 245 -0.16 -3.17 12.22
C VAL B 245 0.25 -1.70 12.37
N ASN B 246 -0.73 -0.85 12.65
CA ASN B 246 -0.52 0.59 12.75
C ASN B 246 -1.01 1.09 14.12
N LYS B 247 -1.05 2.42 14.27
CA LYS B 247 -1.36 3.02 15.56
C LYS B 247 -2.78 2.68 16.02
N THR B 248 -3.76 2.85 15.13
CA THR B 248 -5.14 2.55 15.49
C THR B 248 -5.32 1.07 15.78
N ASP B 249 -4.63 0.20 15.03
CA ASP B 249 -4.68 -1.23 15.29
C ASP B 249 -4.15 -1.54 16.68
N SER B 250 -3.03 -0.93 17.07
CA SER B 250 -2.51 -1.12 18.41
C SER B 250 -3.50 -0.62 19.46
N GLN B 251 -4.13 0.53 19.19
CA GLN B 251 -5.06 1.10 20.15
C GLN B 251 -6.26 0.18 20.37
N THR B 252 -6.81 -0.41 19.31
CA THR B 252 -7.89 -1.36 19.52
C THR B 252 -7.40 -2.69 20.07
N LEU B 253 -6.12 -3.01 19.88
CA LEU B 253 -5.57 -4.23 20.48
C LEU B 253 -5.46 -4.12 21.98
N LEU B 254 -5.01 -2.97 22.49
CA LEU B 254 -4.92 -2.80 23.94
C LEU B 254 -6.29 -2.58 24.58
N THR B 255 -7.29 -2.17 23.81
CA THR B 255 -8.63 -2.04 24.35
C THR B 255 -9.30 -3.41 24.52
N THR B 256 -9.07 -4.32 23.58
CA THR B 256 -9.70 -5.64 23.65
C THR B 256 -9.01 -6.51 24.70
N PHE B 257 -7.72 -6.77 24.53
CA PHE B 257 -6.97 -7.56 25.49
C PHE B 257 -6.44 -6.66 26.61
N GLY B 258 -6.47 -7.20 27.83
CA GLY B 258 -6.05 -6.43 28.99
C GLY B 258 -4.55 -6.15 29.01
N SER B 259 -3.76 -7.19 29.19
CA SER B 259 -2.31 -7.08 29.27
C SER B 259 -1.67 -7.76 28.05
N LEU B 260 -0.37 -7.50 27.88
CA LEU B 260 0.38 -8.18 26.84
C LEU B 260 0.44 -9.68 27.08
N GLU B 261 0.38 -10.10 28.35
CA GLU B 261 0.31 -11.52 28.66
C GLU B 261 -0.97 -12.14 28.11
N GLN B 262 -2.10 -11.43 28.23
CA GLN B 262 -3.35 -11.92 27.66
C GLN B 262 -3.25 -12.02 26.14
N LEU B 263 -2.64 -11.01 25.51
CA LEU B 263 -2.49 -11.05 24.05
C LEU B 263 -1.61 -12.21 23.62
N ILE B 264 -0.56 -12.50 24.39
CA ILE B 264 0.29 -13.65 24.10
C ILE B 264 -0.50 -14.94 24.25
N ALA B 265 -1.31 -15.03 25.31
CA ALA B 265 -2.05 -16.26 25.59
C ALA B 265 -3.16 -16.52 24.57
N ALA B 266 -3.59 -15.51 23.83
CA ALA B 266 -4.67 -15.68 22.87
C ALA B 266 -4.25 -16.62 21.74
N SER B 267 -5.17 -17.48 21.34
CA SER B 267 -4.91 -18.43 20.26
C SER B 267 -5.06 -17.74 18.91
N ARG B 268 -4.74 -18.47 17.84
CA ARG B 268 -4.79 -17.90 16.50
C ARG B 268 -6.21 -17.49 16.12
N GLU B 269 -7.19 -18.34 16.41
CA GLU B 269 -8.58 -18.00 16.10
C GLU B 269 -9.07 -16.85 16.97
N ASP B 270 -8.66 -16.81 18.23
CA ASP B 270 -9.09 -15.72 19.12
C ASP B 270 -8.58 -14.38 18.64
N LEU B 271 -7.33 -14.33 18.17
CA LEU B 271 -6.80 -13.09 17.62
C LEU B 271 -7.55 -12.68 16.36
N ALA B 272 -7.90 -13.66 15.50
CA ALA B 272 -8.63 -13.35 14.29
C ALA B 272 -10.02 -12.81 14.57
N LEU B 273 -10.60 -13.17 15.72
CA LEU B 273 -11.93 -12.72 16.09
C LEU B 273 -11.95 -11.34 16.72
N CYS B 274 -10.80 -10.70 16.88
CA CYS B 274 -10.75 -9.35 17.41
C CYS B 274 -11.47 -8.40 16.45
N PRO B 275 -12.36 -7.54 16.93
CA PRO B 275 -13.14 -6.68 16.03
C PRO B 275 -12.25 -5.67 15.32
N GLY B 276 -12.29 -5.69 13.99
CA GLY B 276 -11.54 -4.76 13.19
C GLY B 276 -10.11 -5.16 12.85
N LEU B 277 -9.70 -6.39 13.20
CA LEU B 277 -8.34 -6.83 12.93
C LEU B 277 -8.19 -7.41 11.52
N GLY B 278 -9.07 -8.32 11.12
CA GLY B 278 -8.95 -8.98 9.85
C GLY B 278 -8.13 -10.25 9.97
N PRO B 279 -8.23 -11.12 8.97
CA PRO B 279 -7.53 -12.41 9.05
C PRO B 279 -6.02 -12.31 8.86
N GLN B 280 -5.59 -11.50 7.89
CA GLN B 280 -4.16 -11.48 7.54
C GLN B 280 -3.34 -10.76 8.60
N LYS B 281 -3.86 -9.66 9.16
CA LYS B 281 -3.12 -8.94 10.18
C LYS B 281 -3.01 -9.77 11.46
N ALA B 282 -4.11 -10.43 11.86
CA ALA B 282 -4.05 -11.30 13.02
C ALA B 282 -3.12 -12.48 12.78
N ARG B 283 -3.13 -13.04 11.57
CA ARG B 283 -2.26 -14.15 11.25
C ARG B 283 -0.78 -13.75 11.34
N ARG B 284 -0.44 -12.59 10.77
CA ARG B 284 0.96 -12.15 10.81
C ARG B 284 1.38 -11.74 12.22
N LEU B 285 0.47 -11.17 13.00
CA LEU B 285 0.80 -10.87 14.40
C LEU B 285 1.04 -12.15 15.19
N PHE B 286 0.19 -13.16 14.98
CA PHE B 286 0.38 -14.44 15.65
C PHE B 286 1.70 -15.10 15.24
N ASP B 287 2.04 -15.01 13.96
CA ASP B 287 3.33 -15.54 13.51
C ASP B 287 4.49 -14.80 14.19
N VAL B 288 4.39 -13.47 14.28
CA VAL B 288 5.41 -12.71 14.98
C VAL B 288 5.34 -12.96 16.49
N LEU B 289 4.13 -13.19 17.02
CA LEU B 289 3.94 -13.24 18.47
C LEU B 289 4.77 -14.34 19.11
N HIS B 290 4.78 -15.53 18.51
CA HIS B 290 5.62 -16.61 19.04
C HIS B 290 6.09 -17.47 17.86
N GLU B 291 7.29 -17.15 17.38
CA GLU B 291 8.03 -17.95 16.42
C GLU B 291 9.46 -18.07 16.93
N PRO B 292 10.09 -19.23 16.78
CA PRO B 292 11.45 -19.40 17.31
C PRO B 292 12.40 -18.32 16.77
N PHE B 293 13.21 -17.76 17.67
CA PHE B 293 14.10 -16.67 17.29
C PHE B 293 15.13 -17.13 16.28
N LEU B 294 15.70 -18.32 16.49
CA LEU B 294 16.75 -18.82 15.61
C LEU B 294 16.18 -19.29 14.28
N LYS B 295 17.09 -19.63 13.36
CA LYS B 295 16.77 -20.13 12.02
C LYS B 295 16.23 -19.02 11.13
N VAL B 296 16.83 -18.86 9.96
CA VAL B 296 16.43 -17.85 8.98
C VAL B 296 16.46 -16.45 9.59
N THR C 71 25.15 45.03 -5.68
CA THR C 71 24.66 46.34 -5.27
C THR C 71 23.16 46.47 -5.52
N GLY C 72 22.65 45.63 -6.44
CA GLY C 72 21.23 45.67 -6.74
C GLY C 72 20.36 45.23 -5.57
N GLY C 73 20.84 44.28 -4.77
CA GLY C 73 20.09 43.77 -3.65
C GLY C 73 19.17 42.62 -3.97
N GLY C 74 19.09 42.19 -5.22
CA GLY C 74 18.23 41.08 -5.58
C GLY C 74 16.75 41.39 -5.57
N PHE C 75 16.38 42.67 -5.67
CA PHE C 75 14.99 43.08 -5.64
C PHE C 75 14.74 44.13 -6.71
N ILE C 76 13.49 44.26 -7.10
CA ILE C 76 13.05 45.25 -8.08
C ILE C 76 12.16 46.27 -7.37
N LEU C 77 12.48 47.55 -7.53
CA LEU C 77 11.71 48.61 -6.91
C LEU C 77 10.30 48.69 -7.48
#